data_9AX1
#
_entry.id   9AX1
#
_cell.length_a   46.422
_cell.length_b   63.050
_cell.length_c   86.525
_cell.angle_alpha   85.112
_cell.angle_beta   86.369
_cell.angle_gamma   80.681
#
_symmetry.space_group_name_H-M   'P 1'
#
loop_
_entity.id
_entity.type
_entity.pdbx_description
1 polymer 'H9 Immunoglobulin Light Chain'
2 non-polymer 'PHOSPHATE ION'
3 non-polymer '2-{6-methyl-2-oxo-4-[(2S)-2-phenylpropoxy]pyridin-1(2H)-yl}ethyl {[(3P)-3-(1H-imidazol-4-yl)phenyl]methyl}carbamate'
4 water water
#
_entity_poly.entity_id   1
_entity_poly.type   'polypeptide(L)'
_entity_poly.pdbx_seq_one_letter_code
;QSALTQPPSASGSPGQSVTISCTGTSSDVGGSDSVSWYQQHPGKAPKLIIYEVSQRPSGVPNRFSGSKSGNTASLTVSGL
QAEDDADYYCSSYGGDNNLFFGGGTKVTVLGQPKAAPSVTLFPPSSEELQANKATLVCLISDFYPGAVTVAWKADSSPVK
AGVETTTPSKQSNNKYAASSYLSLTPEQWKSHRSYSCQVTHEGSTVEKTVAPTECS
;
_entity_poly.pdbx_strand_id   A,B,C,D
#
# COMPACT_ATOMS: atom_id res chain seq x y z
N GLN A 1 1.31 34.08 -8.31
CA GLN A 1 2.65 33.81 -7.74
C GLN A 1 3.69 34.72 -8.39
N SER A 2 3.64 34.84 -9.71
CA SER A 2 4.53 35.74 -10.42
C SER A 2 4.04 37.18 -10.30
N ALA A 3 4.99 38.12 -10.35
CA ALA A 3 4.66 39.53 -10.15
C ALA A 3 3.70 40.04 -11.22
N LEU A 4 3.92 39.65 -12.47
CA LEU A 4 3.02 39.95 -13.56
C LEU A 4 2.25 38.68 -13.93
N THR A 5 1.03 38.85 -14.42
CA THR A 5 0.13 37.73 -14.67
C THR A 5 0.01 37.49 -16.17
N GLN A 6 0.36 36.27 -16.59
CA GLN A 6 0.16 35.81 -17.96
C GLN A 6 -0.75 34.60 -17.95
N PRO A 7 -1.59 34.43 -18.98
CA PRO A 7 -2.31 33.16 -19.12
C PRO A 7 -1.33 32.00 -19.20
N PRO A 8 -1.67 30.85 -18.62
CA PRO A 8 -0.73 29.72 -18.66
C PRO A 8 -0.49 29.17 -20.06
N SER A 9 -1.43 29.34 -20.98
CA SER A 9 -1.31 28.67 -22.26
C SER A 9 -2.11 29.40 -23.33
N ALA A 10 -1.67 29.23 -24.57
CA ALA A 10 -2.42 29.62 -25.75
C ALA A 10 -2.08 28.61 -26.83
N SER A 11 -2.93 28.54 -27.84
CA SER A 11 -2.71 27.56 -28.90
C SER A 11 -3.36 28.04 -30.19
N GLY A 12 -2.87 27.51 -31.31
CA GLY A 12 -3.47 27.76 -32.59
C GLY A 12 -2.86 26.85 -33.64
N SER A 13 -3.55 26.72 -34.76
CA SER A 13 -3.03 25.91 -35.85
C SER A 13 -2.11 26.74 -36.73
N PRO A 14 -1.30 26.08 -37.57
CA PRO A 14 -0.43 26.83 -38.48
C PRO A 14 -1.20 27.90 -39.24
N GLY A 15 -0.57 29.07 -39.39
CA GLY A 15 -1.15 30.19 -40.08
C GLY A 15 -2.11 31.02 -39.27
N GLN A 16 -2.58 30.52 -38.14
CA GLN A 16 -3.47 31.29 -37.30
C GLN A 16 -2.70 32.36 -36.54
N SER A 17 -3.45 33.21 -35.83
CA SER A 17 -2.89 34.24 -34.98
C SER A 17 -3.21 33.93 -33.52
N VAL A 18 -2.37 34.44 -32.62
CA VAL A 18 -2.58 34.24 -31.19
C VAL A 18 -2.07 35.47 -30.46
N THR A 19 -2.84 35.93 -29.48
CA THR A 19 -2.46 37.08 -28.66
C THR A 19 -2.41 36.61 -27.21
N ILE A 20 -1.33 36.97 -26.51
CA ILE A 20 -1.16 36.61 -25.11
C ILE A 20 -0.94 37.89 -24.31
N SER A 21 -1.55 37.93 -23.13
CA SER A 21 -1.58 39.14 -22.31
C SER A 21 -0.58 39.05 -21.17
N CYS A 22 -0.24 40.21 -20.64
CA CYS A 22 0.72 40.36 -19.55
C CYS A 22 0.20 41.51 -18.69
N THR A 23 -0.41 41.18 -17.55
CA THR A 23 -1.12 42.14 -16.73
C THR A 23 -0.35 42.43 -15.45
N GLY A 24 -0.14 43.71 -15.18
CA GLY A 24 0.52 44.17 -13.97
C GLY A 24 -0.29 45.25 -13.31
N THR A 25 0.42 46.22 -12.74
CA THR A 25 -0.18 47.35 -12.04
C THR A 25 0.30 48.65 -12.65
N SER A 26 -0.27 49.75 -12.17
CA SER A 26 0.10 51.06 -12.70
C SER A 26 1.55 51.41 -12.40
N SER A 27 2.16 50.78 -11.40
CA SER A 27 3.56 51.07 -11.06
C SER A 27 4.56 50.20 -11.80
N ASP A 28 4.10 49.22 -12.59
CA ASP A 28 5.02 48.48 -13.46
C ASP A 28 4.57 48.60 -14.92
N VAL A 29 3.70 47.70 -15.36
CA VAL A 29 3.29 47.67 -16.77
C VAL A 29 2.76 49.04 -17.20
N GLY A 30 1.91 49.64 -16.38
CA GLY A 30 1.30 50.91 -16.72
C GLY A 30 2.09 52.15 -16.32
N GLY A 31 3.29 52.00 -15.77
CA GLY A 31 4.05 53.13 -15.32
C GLY A 31 5.11 53.59 -16.28
N SER A 32 5.28 52.89 -17.38
CA SER A 32 6.25 53.25 -18.41
C SER A 32 6.02 52.33 -19.61
N ASP A 33 6.84 52.51 -20.64
CA ASP A 33 6.80 51.68 -21.84
C ASP A 33 8.06 50.83 -21.88
N SER A 34 8.18 49.93 -20.90
CA SER A 34 9.39 49.13 -20.71
C SER A 34 9.06 47.65 -20.68
N VAL A 35 7.98 47.25 -21.33
CA VAL A 35 7.60 45.84 -21.41
C VAL A 35 8.45 45.16 -22.46
N SER A 36 9.02 44.01 -22.10
CA SER A 36 9.78 43.16 -22.99
C SER A 36 9.10 41.79 -23.06
N TRP A 37 9.36 41.06 -24.13
CA TRP A 37 8.89 39.69 -24.29
C TRP A 37 10.06 38.80 -24.66
N TYR A 38 10.07 37.59 -24.11
CA TYR A 38 11.13 36.63 -24.35
C TYR A 38 10.50 35.33 -24.84
N GLN A 39 11.19 34.66 -25.76
CA GLN A 39 10.77 33.37 -26.27
C GLN A 39 11.78 32.32 -25.82
N GLN A 40 11.29 31.17 -25.38
CA GLN A 40 12.18 30.07 -25.01
C GLN A 40 11.62 28.75 -25.52
N HIS A 41 12.39 28.09 -26.37
CA HIS A 41 12.17 26.67 -26.63
C HIS A 41 12.69 25.89 -25.43
N PRO A 42 11.90 24.97 -24.87
CA PRO A 42 12.31 24.31 -23.63
C PRO A 42 13.68 23.67 -23.76
N GLY A 43 14.49 23.85 -22.71
CA GLY A 43 15.83 23.30 -22.69
C GLY A 43 16.86 24.12 -23.42
N LYS A 44 16.46 25.24 -24.03
CA LYS A 44 17.35 26.09 -24.81
C LYS A 44 17.37 27.50 -24.23
N ALA A 45 18.39 28.27 -24.59
CA ALA A 45 18.47 29.63 -24.12
C ALA A 45 17.27 30.43 -24.61
N PRO A 46 16.72 31.34 -23.81
CA PRO A 46 15.66 32.21 -24.30
C PRO A 46 16.22 33.28 -25.21
N LYS A 47 15.31 34.03 -25.83
CA LYS A 47 15.67 35.08 -26.76
C LYS A 47 14.73 36.27 -26.57
N LEU A 48 15.30 37.46 -26.50
CA LEU A 48 14.50 38.67 -26.49
C LEU A 48 13.86 38.85 -27.87
N ILE A 49 12.54 39.00 -27.88
CA ILE A 49 11.81 39.21 -29.13
C ILE A 49 11.07 40.55 -29.16
N ILE A 50 10.80 41.18 -28.02
CA ILE A 50 10.19 42.50 -27.98
C ILE A 50 10.79 43.26 -26.80
N TYR A 51 11.09 44.53 -27.02
CA TYR A 51 11.49 45.43 -25.95
C TYR A 51 10.75 46.75 -26.11
N GLU A 52 10.65 47.49 -25.02
CA GLU A 52 9.95 48.78 -24.98
C GLU A 52 8.59 48.66 -25.66
N VAL A 53 7.86 47.61 -25.29
CA VAL A 53 6.47 47.37 -25.66
C VAL A 53 6.32 46.87 -27.08
N SER A 54 7.02 47.50 -28.04
CA SER A 54 6.74 47.28 -29.45
C SER A 54 7.96 47.02 -30.33
N GLN A 55 9.17 47.23 -29.82
CA GLN A 55 10.37 47.17 -30.64
C GLN A 55 10.83 45.73 -30.83
N ARG A 56 11.07 45.34 -32.11
CA ARG A 56 11.59 44.02 -32.43
C ARG A 56 13.10 44.08 -32.62
N PRO A 57 13.87 43.25 -31.92
CA PRO A 57 15.30 43.16 -32.23
C PRO A 57 15.52 42.71 -33.67
N SER A 58 16.75 42.92 -34.14
CA SER A 58 17.11 42.48 -35.48
C SER A 58 16.94 40.97 -35.59
N GLY A 59 16.38 40.53 -36.72
CA GLY A 59 16.14 39.13 -36.99
C GLY A 59 14.76 38.65 -36.62
N VAL A 60 14.09 39.31 -35.68
CA VAL A 60 12.75 38.92 -35.25
C VAL A 60 11.76 39.36 -36.33
N PRO A 61 11.01 38.44 -36.93
CA PRO A 61 10.10 38.82 -38.01
C PRO A 61 8.96 39.69 -37.50
N ASN A 62 8.34 40.41 -38.44
CA ASN A 62 7.23 41.28 -38.11
C ASN A 62 5.94 40.51 -37.85
N ARG A 63 5.98 39.17 -37.87
CA ARG A 63 4.86 38.39 -37.37
C ARG A 63 4.63 38.66 -35.89
N PHE A 64 5.68 39.06 -35.17
CA PHE A 64 5.59 39.36 -33.75
C PHE A 64 5.36 40.84 -33.54
N SER A 65 4.34 41.18 -32.75
CA SER A 65 4.03 42.57 -32.47
C SER A 65 3.65 42.71 -31.00
N GLY A 66 4.07 43.80 -30.40
CA GLY A 66 3.80 44.08 -28.99
C GLY A 66 3.09 45.40 -28.84
N SER A 67 2.05 45.41 -27.99
CA SER A 67 1.28 46.59 -27.71
C SER A 67 0.97 46.64 -26.23
N LYS A 68 0.42 47.76 -25.77
CA LYS A 68 0.07 47.92 -24.37
C LYS A 68 -1.16 48.81 -24.27
N SER A 69 -2.03 48.48 -23.32
CA SER A 69 -3.23 49.26 -23.03
C SER A 69 -3.42 49.25 -21.52
N GLY A 70 -3.26 50.41 -20.89
CA GLY A 70 -3.36 50.47 -19.44
C GLY A 70 -2.30 49.59 -18.81
N ASN A 71 -2.74 48.72 -17.90
CA ASN A 71 -1.85 47.84 -17.15
C ASN A 71 -1.69 46.46 -17.79
N THR A 72 -2.06 46.32 -19.06
CA THR A 72 -1.95 45.05 -19.77
C THR A 72 -1.16 45.24 -21.05
N ALA A 73 -0.08 44.49 -21.20
CA ALA A 73 0.67 44.41 -22.45
C ALA A 73 0.25 43.15 -23.20
N SER A 74 0.38 43.19 -24.53
CA SER A 74 -0.04 42.07 -25.35
C SER A 74 0.99 41.80 -26.43
N LEU A 75 1.26 40.51 -26.65
CA LEU A 75 2.11 40.04 -27.73
C LEU A 75 1.25 39.27 -28.72
N THR A 76 1.31 39.65 -29.99
CA THR A 76 0.56 38.99 -31.04
C THR A 76 1.53 38.28 -31.99
N VAL A 77 1.29 36.99 -32.20
CA VAL A 77 2.04 36.20 -33.16
C VAL A 77 1.06 35.88 -34.28
N SER A 78 1.20 36.57 -35.41
CA SER A 78 0.36 36.33 -36.57
C SER A 78 0.99 35.28 -37.47
N GLY A 79 0.14 34.46 -38.09
CA GLY A 79 0.63 33.40 -38.95
C GLY A 79 1.56 32.45 -38.23
N LEU A 80 1.01 31.67 -37.29
CA LEU A 80 1.84 30.78 -36.51
C LEU A 80 2.60 29.80 -37.41
N GLN A 81 3.89 29.64 -37.12
CA GLN A 81 4.75 28.65 -37.74
C GLN A 81 5.20 27.67 -36.68
N ALA A 82 5.74 26.54 -37.13
CA ALA A 82 6.13 25.48 -36.21
C ALA A 82 7.14 25.98 -35.19
N GLU A 83 8.07 26.84 -35.62
CA GLU A 83 9.12 27.33 -34.73
C GLU A 83 8.59 28.28 -33.66
N ASP A 84 7.33 28.69 -33.74
CA ASP A 84 6.76 29.58 -32.74
C ASP A 84 6.25 28.84 -31.52
N ASP A 85 6.07 27.52 -31.63
CA ASP A 85 5.74 26.70 -30.47
C ASP A 85 6.85 26.82 -29.45
N ALA A 86 6.57 27.49 -28.33
CA ALA A 86 7.59 27.78 -27.33
C ALA A 86 6.89 28.39 -26.11
N ASP A 87 7.68 28.68 -25.07
CA ASP A 87 7.20 29.40 -23.91
C ASP A 87 7.55 30.88 -24.05
N TYR A 88 6.63 31.74 -23.62
CA TYR A 88 6.77 33.18 -23.79
C TYR A 88 6.62 33.86 -22.44
N TYR A 89 7.59 34.71 -22.11
CA TYR A 89 7.60 35.45 -20.86
C TYR A 89 7.58 36.94 -21.14
N CYS A 90 6.92 37.70 -20.27
CA CYS A 90 6.98 39.16 -20.31
C CYS A 90 7.74 39.68 -19.10
N SER A 91 8.26 40.90 -19.24
CA SER A 91 8.87 41.62 -18.14
C SER A 91 8.55 43.10 -18.25
N SER A 92 8.74 43.81 -17.14
CA SER A 92 8.51 45.25 -17.10
C SER A 92 9.28 45.85 -15.94
N TYR A 93 9.82 47.05 -16.15
CA TYR A 93 10.33 47.82 -15.03
C TYR A 93 9.22 47.99 -14.00
N GLY A 94 9.60 48.00 -12.74
CA GLY A 94 8.71 48.32 -11.65
C GLY A 94 8.82 49.77 -11.24
N GLY A 95 8.53 50.04 -9.97
CA GLY A 95 8.65 51.38 -9.43
C GLY A 95 10.07 51.93 -9.47
N ASP A 96 11.02 51.24 -8.85
CA ASP A 96 12.38 51.75 -8.73
C ASP A 96 13.38 50.63 -9.01
N ASN A 97 14.06 50.72 -10.16
CA ASN A 97 15.17 49.85 -10.51
C ASN A 97 14.84 48.37 -10.38
N ASN A 98 13.56 48.03 -10.26
CA ASN A 98 13.12 46.66 -10.06
C ASN A 98 12.53 46.12 -11.36
N LEU A 99 12.85 44.87 -11.68
CA LEU A 99 12.37 44.20 -12.89
C LEU A 99 11.41 43.09 -12.48
N PHE A 100 10.20 43.12 -13.06
CA PHE A 100 9.15 42.16 -12.76
C PHE A 100 8.93 41.25 -13.96
N PHE A 101 8.67 39.97 -13.68
CA PHE A 101 8.46 38.96 -14.72
C PHE A 101 7.09 38.32 -14.57
N GLY A 102 6.52 37.92 -15.71
CA GLY A 102 5.34 37.09 -15.71
C GLY A 102 5.68 35.61 -15.62
N GLY A 103 4.64 34.80 -15.36
CA GLY A 103 4.84 33.38 -15.14
C GLY A 103 5.08 32.56 -16.38
N GLY A 104 4.96 33.15 -17.55
CA GLY A 104 5.20 32.42 -18.80
C GLY A 104 3.92 31.86 -19.39
N THR A 105 3.87 31.83 -20.72
CA THR A 105 2.74 31.30 -21.47
C THR A 105 3.26 30.23 -22.43
N LYS A 106 2.72 29.03 -22.33
CA LYS A 106 3.05 27.95 -23.25
C LYS A 106 2.19 28.11 -24.50
N VAL A 107 2.83 28.38 -25.63
CA VAL A 107 2.14 28.53 -26.90
C VAL A 107 2.35 27.26 -27.72
N THR A 108 1.27 26.55 -27.99
CA THR A 108 1.31 25.32 -28.76
C THR A 108 0.81 25.60 -30.18
N VAL A 109 1.56 25.14 -31.17
CA VAL A 109 1.06 25.06 -32.54
C VAL A 109 0.46 23.67 -32.69
N LEU A 110 -0.87 23.61 -32.71
CA LEU A 110 -1.59 22.35 -32.61
C LEU A 110 -1.04 21.29 -33.57
N GLY A 111 -0.43 20.26 -33.01
CA GLY A 111 0.06 19.14 -33.78
C GLY A 111 -0.92 18.00 -33.93
N GLN A 112 -2.05 18.10 -33.24
CA GLN A 112 -3.09 17.09 -33.27
C GLN A 112 -4.37 17.74 -32.77
N PRO A 113 -5.51 17.05 -32.86
CA PRO A 113 -6.75 17.63 -32.34
C PRO A 113 -6.64 17.97 -30.85
N LYS A 114 -7.30 19.07 -30.47
CA LYS A 114 -7.42 19.39 -29.05
C LYS A 114 -8.27 18.34 -28.36
N ALA A 115 -7.93 18.08 -27.09
CA ALA A 115 -8.66 17.11 -26.28
C ALA A 115 -8.67 17.58 -24.84
N ALA A 116 -9.87 17.69 -24.26
CA ALA A 116 -9.99 18.10 -22.87
C ALA A 116 -9.65 16.93 -21.95
N PRO A 117 -9.14 17.21 -20.75
CA PRO A 117 -8.69 16.12 -19.89
C PRO A 117 -9.84 15.41 -19.21
N SER A 118 -9.65 14.11 -19.01
CA SER A 118 -10.47 13.38 -18.05
C SER A 118 -9.89 13.62 -16.66
N VAL A 119 -10.72 14.09 -15.73
CA VAL A 119 -10.28 14.45 -14.38
C VAL A 119 -10.96 13.50 -13.40
N THR A 120 -10.16 12.79 -12.62
CA THR A 120 -10.66 11.86 -11.61
C THR A 120 -9.96 12.19 -10.29
N LEU A 121 -10.75 12.50 -9.26
CA LEU A 121 -10.23 12.85 -7.95
C LEU A 121 -10.50 11.71 -7.00
N PHE A 122 -9.44 11.22 -6.35
CA PHE A 122 -9.54 10.08 -5.45
C PHE A 122 -9.37 10.53 -4.01
N PRO A 123 -10.26 10.11 -3.10
CA PRO A 123 -10.05 10.40 -1.68
C PRO A 123 -9.02 9.46 -1.07
N PRO A 124 -8.68 9.63 0.20
CA PRO A 124 -7.67 8.75 0.80
C PRO A 124 -8.10 7.30 0.79
N SER A 125 -7.16 6.41 0.49
CA SER A 125 -7.41 4.98 0.58
C SER A 125 -7.34 4.55 2.04
N SER A 126 -7.95 3.39 2.32
CA SER A 126 -7.97 2.90 3.70
C SER A 126 -6.57 2.64 4.21
N GLU A 127 -5.73 1.97 3.40
CA GLU A 127 -4.41 1.56 3.87
C GLU A 127 -3.56 2.76 4.29
N GLU A 128 -3.57 3.84 3.51
CA GLU A 128 -2.74 4.97 3.89
C GLU A 128 -3.30 5.67 5.13
N LEU A 129 -4.63 5.74 5.25
CA LEU A 129 -5.22 6.34 6.44
C LEU A 129 -4.71 5.67 7.70
N GLN A 130 -4.70 4.33 7.71
CA GLN A 130 -4.20 3.59 8.86
C GLN A 130 -2.68 3.64 8.96
N ALA A 131 -2.00 4.24 7.99
CA ALA A 131 -0.60 4.64 8.12
C ALA A 131 -0.46 6.14 8.40
N ASN A 132 -1.56 6.79 8.79
CA ASN A 132 -1.57 8.21 9.15
C ASN A 132 -1.16 9.11 7.99
N LYS A 133 -1.56 8.74 6.78
CA LYS A 133 -1.49 9.63 5.63
C LYS A 133 -2.88 9.73 5.02
N ALA A 134 -3.18 10.90 4.47
CA ALA A 134 -4.47 11.16 3.84
C ALA A 134 -4.26 11.83 2.48
N THR A 135 -3.34 11.29 1.69
CA THR A 135 -3.02 11.89 0.40
C THR A 135 -4.20 11.77 -0.54
N LEU A 136 -4.54 12.87 -1.20
CA LEU A 136 -5.51 12.88 -2.29
C LEU A 136 -4.74 12.91 -3.61
N VAL A 137 -5.31 12.28 -4.63
CA VAL A 137 -4.70 12.26 -5.94
C VAL A 137 -5.73 12.66 -6.99
N CYS A 138 -5.34 13.55 -7.89
CA CYS A 138 -6.18 14.06 -8.96
C CYS A 138 -5.57 13.59 -10.26
N LEU A 139 -6.21 12.62 -10.91
CA LEU A 139 -5.70 12.03 -12.14
C LEU A 139 -6.22 12.82 -13.34
N ILE A 140 -5.31 13.20 -14.23
CA ILE A 140 -5.62 14.04 -15.39
C ILE A 140 -5.03 13.34 -16.60
N SER A 141 -5.90 12.86 -17.49
CA SER A 141 -5.45 12.04 -18.61
C SER A 141 -6.16 12.43 -19.91
N ASP A 142 -5.54 12.05 -21.02
CA ASP A 142 -6.14 12.15 -22.35
C ASP A 142 -6.36 13.59 -22.80
N PHE A 143 -5.38 14.47 -22.58
CA PHE A 143 -5.52 15.86 -23.00
C PHE A 143 -4.41 16.26 -23.95
N TYR A 144 -4.73 17.24 -24.81
CA TYR A 144 -3.79 17.86 -25.73
C TYR A 144 -4.32 19.28 -25.95
N PRO A 145 -3.45 20.31 -25.97
CA PRO A 145 -1.99 20.30 -25.75
C PRO A 145 -1.61 19.80 -24.38
N GLY A 146 -0.33 19.55 -24.14
CA GLY A 146 0.10 18.93 -22.90
C GLY A 146 0.39 19.93 -21.81
N ALA A 147 -0.38 21.01 -21.77
CA ALA A 147 -0.24 22.05 -20.76
C ALA A 147 -1.47 22.05 -19.87
N VAL A 148 -1.24 22.07 -18.57
CA VAL A 148 -2.32 22.08 -17.60
C VAL A 148 -1.82 22.79 -16.36
N THR A 149 -2.72 23.52 -15.70
CA THR A 149 -2.46 24.11 -14.39
C THR A 149 -3.50 23.57 -13.42
N VAL A 150 -3.05 23.24 -12.21
CA VAL A 150 -3.88 22.59 -11.20
C VAL A 150 -3.90 23.45 -9.96
N ALA A 151 -5.09 23.67 -9.41
CA ALA A 151 -5.27 24.36 -8.14
C ALA A 151 -6.05 23.45 -7.21
N TRP A 152 -5.72 23.51 -5.92
CA TRP A 152 -6.41 22.77 -4.88
C TRP A 152 -7.10 23.75 -3.94
N LYS A 153 -8.28 23.37 -3.45
CA LYS A 153 -9.02 24.15 -2.49
C LYS A 153 -9.34 23.29 -1.28
N ALA A 154 -9.04 23.82 -0.09
CA ALA A 154 -9.53 23.26 1.17
C ALA A 154 -10.80 24.03 1.52
N ASP A 155 -11.95 23.34 1.46
CA ASP A 155 -13.24 24.02 1.48
C ASP A 155 -13.31 24.96 0.27
N SER A 156 -13.22 26.28 0.51
CA SER A 156 -13.14 27.24 -0.57
C SER A 156 -11.80 27.97 -0.61
N SER A 157 -10.87 27.64 0.30
CA SER A 157 -9.63 28.39 0.43
C SER A 157 -8.53 27.77 -0.39
N PRO A 158 -7.76 28.56 -1.14
CA PRO A 158 -6.57 28.01 -1.81
C PRO A 158 -5.66 27.31 -0.81
N VAL A 159 -5.06 26.20 -1.24
CA VAL A 159 -4.08 25.48 -0.45
C VAL A 159 -2.84 25.29 -1.32
N LYS A 160 -1.71 25.85 -0.91
CA LYS A 160 -0.48 25.75 -1.67
C LYS A 160 0.46 24.68 -1.13
N ALA A 161 0.66 24.64 0.19
CA ALA A 161 1.56 23.65 0.77
C ALA A 161 0.99 22.25 0.58
N GLY A 162 1.88 21.29 0.31
CA GLY A 162 1.50 19.91 0.15
C GLY A 162 1.10 19.50 -1.25
N VAL A 163 1.12 20.42 -2.22
CA VAL A 163 0.70 20.11 -3.58
C VAL A 163 1.90 19.75 -4.43
N GLU A 164 1.77 18.69 -5.22
CA GLU A 164 2.77 18.27 -6.19
C GLU A 164 2.03 17.84 -7.46
N THR A 165 2.48 18.33 -8.60
CA THR A 165 1.90 17.98 -9.88
C THR A 165 3.00 17.51 -10.81
N THR A 166 2.78 16.39 -11.46
CA THR A 166 3.79 15.80 -12.32
C THR A 166 3.80 16.50 -13.67
N THR A 167 4.97 16.55 -14.28
CA THR A 167 5.08 17.12 -15.62
C THR A 167 4.29 16.24 -16.59
N PRO A 168 3.37 16.80 -17.38
CA PRO A 168 2.60 15.96 -18.29
C PRO A 168 3.49 15.17 -19.22
N SER A 169 3.17 13.89 -19.39
CA SER A 169 3.88 13.03 -20.30
C SER A 169 2.88 12.40 -21.26
N LYS A 170 3.35 12.17 -22.48
CA LYS A 170 2.50 11.63 -23.54
C LYS A 170 2.39 10.13 -23.38
N GLN A 171 1.16 9.63 -23.42
CA GLN A 171 0.89 8.23 -23.15
C GLN A 171 0.73 7.47 -24.47
N SER A 172 0.42 6.17 -24.36
CA SER A 172 0.43 5.31 -25.54
C SER A 172 -0.58 5.74 -26.60
N ASN A 173 -1.62 6.48 -26.21
CA ASN A 173 -2.62 6.97 -27.16
C ASN A 173 -2.26 8.34 -27.72
N ASN A 174 -1.01 8.79 -27.52
CA ASN A 174 -0.49 10.07 -28.01
C ASN A 174 -1.16 11.27 -27.36
N LYS A 175 -1.90 11.07 -26.27
CA LYS A 175 -2.41 12.15 -25.44
C LYS A 175 -1.68 12.18 -24.11
N TYR A 176 -1.72 13.34 -23.46
CA TYR A 176 -0.94 13.59 -22.27
C TYR A 176 -1.68 13.16 -21.01
N ALA A 177 -0.90 12.91 -19.96
CA ALA A 177 -1.46 12.53 -18.68
C ALA A 177 -0.55 13.06 -17.58
N ALA A 178 -1.16 13.35 -16.44
CA ALA A 178 -0.43 13.81 -15.27
C ALA A 178 -1.31 13.52 -14.06
N SER A 179 -0.72 13.71 -12.88
CA SER A 179 -1.44 13.60 -11.62
C SER A 179 -0.95 14.70 -10.70
N SER A 180 -1.90 15.29 -9.97
CA SER A 180 -1.61 16.19 -8.86
C SER A 180 -2.02 15.47 -7.59
N TYR A 181 -1.18 15.54 -6.56
CA TYR A 181 -1.49 14.90 -5.28
C TYR A 181 -1.26 15.89 -4.14
N LEU A 182 -2.14 15.82 -3.15
CA LEU A 182 -2.16 16.72 -2.01
C LEU A 182 -1.92 15.89 -0.75
N SER A 183 -0.77 16.11 -0.10
CA SER A 183 -0.33 15.26 1.00
C SER A 183 -0.89 15.81 2.30
N LEU A 184 -2.12 15.43 2.62
CA LEU A 184 -2.78 15.86 3.85
C LEU A 184 -2.44 14.93 5.01
N THR A 185 -2.62 15.45 6.22
CA THR A 185 -2.69 14.60 7.40
C THR A 185 -4.11 14.07 7.54
N PRO A 186 -4.28 12.96 8.26
CA PRO A 186 -5.65 12.51 8.55
C PRO A 186 -6.48 13.60 9.23
N GLU A 187 -5.87 14.38 10.11
CA GLU A 187 -6.57 15.47 10.79
C GLU A 187 -7.05 16.52 9.80
N GLN A 188 -6.15 16.99 8.93
CA GLN A 188 -6.56 17.96 7.91
C GLN A 188 -7.72 17.43 7.09
N TRP A 189 -7.65 16.15 6.70
CA TRP A 189 -8.68 15.57 5.83
C TRP A 189 -10.03 15.50 6.54
N LYS A 190 -10.04 15.00 7.78
CA LYS A 190 -11.30 14.77 8.48
C LYS A 190 -11.93 16.06 9.02
N SER A 191 -11.16 17.15 9.10
CA SER A 191 -11.62 18.36 9.75
C SER A 191 -12.16 19.41 8.79
N HIS A 192 -12.12 19.16 7.49
CA HIS A 192 -12.65 20.08 6.50
C HIS A 192 -13.93 19.51 5.88
N ARG A 193 -14.76 20.41 5.36
CA ARG A 193 -15.96 19.98 4.66
C ARG A 193 -15.60 19.13 3.45
N SER A 194 -14.58 19.53 2.72
CA SER A 194 -14.21 18.87 1.47
C SER A 194 -12.91 19.47 0.96
N TYR A 195 -12.38 18.85 -0.08
CA TYR A 195 -11.24 19.34 -0.84
C TYR A 195 -11.57 19.23 -2.31
N SER A 196 -11.02 20.15 -3.11
CA SER A 196 -11.33 20.23 -4.52
C SER A 196 -10.05 20.31 -5.34
N CYS A 197 -10.09 19.67 -6.51
CA CYS A 197 -9.05 19.75 -7.51
C CYS A 197 -9.59 20.55 -8.70
N GLN A 198 -8.92 21.66 -9.02
CA GLN A 198 -9.31 22.51 -10.15
C GLN A 198 -8.27 22.36 -11.25
N VAL A 199 -8.71 21.90 -12.42
CA VAL A 199 -7.83 21.59 -13.54
C VAL A 199 -8.16 22.54 -14.69
N THR A 200 -7.16 23.29 -15.14
CA THR A 200 -7.33 24.31 -16.18
C THR A 200 -6.59 23.89 -17.44
N HIS A 201 -7.30 23.85 -18.55
CA HIS A 201 -6.73 23.41 -19.83
C HIS A 201 -7.36 24.21 -20.97
N GLU A 202 -6.53 24.81 -21.81
CA GLU A 202 -7.01 25.57 -22.96
C GLU A 202 -8.03 26.62 -22.54
N GLY A 203 -7.74 27.29 -21.42
CA GLY A 203 -8.54 28.41 -20.95
C GLY A 203 -9.85 28.03 -20.30
N SER A 204 -10.06 26.76 -19.98
CA SER A 204 -11.29 26.31 -19.35
C SER A 204 -10.95 25.43 -18.15
N THR A 205 -11.66 25.64 -17.06
CA THR A 205 -11.39 24.99 -15.79
C THR A 205 -12.45 23.95 -15.48
N VAL A 206 -12.00 22.81 -14.93
CA VAL A 206 -12.88 21.76 -14.44
C VAL A 206 -12.54 21.53 -12.97
N GLU A 207 -13.57 21.28 -12.17
CA GLU A 207 -13.41 21.13 -10.73
C GLU A 207 -14.06 19.83 -10.27
N LYS A 208 -13.33 19.07 -9.44
CA LYS A 208 -13.85 17.88 -8.80
C LYS A 208 -13.64 18.03 -7.29
N THR A 209 -14.55 17.46 -6.52
CA THR A 209 -14.56 17.63 -5.07
C THR A 209 -14.82 16.30 -4.39
N VAL A 210 -14.12 16.06 -3.28
CA VAL A 210 -14.30 14.86 -2.46
C VAL A 210 -14.44 15.29 -1.01
N ALA A 211 -15.10 14.44 -0.23
CA ALA A 211 -15.37 14.72 1.18
C ALA A 211 -15.18 13.44 1.99
N PRO A 212 -14.87 13.55 3.28
CA PRO A 212 -14.71 12.34 4.10
C PRO A 212 -16.02 11.59 4.21
N THR A 213 -15.91 10.27 4.38
CA THR A 213 -17.05 9.39 4.60
C THR A 213 -16.78 8.50 5.79
N GLU A 214 -17.87 8.03 6.41
CA GLU A 214 -17.75 7.20 7.61
C GLU A 214 -16.90 5.97 7.32
N CYS A 215 -17.19 5.27 6.23
CA CYS A 215 -16.53 4.01 5.91
C CYS A 215 -15.77 4.11 4.59
N GLN B 1 21.93 38.58 -31.72
CA GLN B 1 21.74 37.16 -32.12
C GLN B 1 22.88 36.28 -31.62
N SER B 2 24.08 36.85 -31.57
CA SER B 2 25.23 36.13 -31.06
C SER B 2 25.03 35.82 -29.58
N ALA B 3 25.56 34.68 -29.15
CA ALA B 3 25.35 34.17 -27.80
C ALA B 3 26.54 34.51 -26.91
N LEU B 4 26.27 34.54 -25.61
CA LEU B 4 27.34 34.47 -24.63
C LEU B 4 27.79 33.02 -24.50
N THR B 5 29.00 32.82 -23.99
CA THR B 5 29.65 31.51 -23.99
C THR B 5 29.67 30.95 -22.58
N GLN B 6 28.90 29.89 -22.36
CA GLN B 6 28.90 29.13 -21.12
C GLN B 6 29.31 27.68 -21.40
N PRO B 7 30.05 27.04 -20.50
CA PRO B 7 30.30 25.59 -20.65
C PRO B 7 28.99 24.83 -20.64
N PRO B 8 28.84 23.81 -21.48
CA PRO B 8 27.59 23.04 -21.46
C PRO B 8 27.30 22.37 -20.14
N SER B 9 28.34 22.06 -19.36
CA SER B 9 28.20 21.16 -18.22
C SER B 9 29.13 21.59 -17.10
N ALA B 10 28.68 21.35 -15.87
CA ALA B 10 29.46 21.51 -14.65
C ALA B 10 28.83 20.61 -13.59
N SER B 11 29.59 20.33 -12.53
CA SER B 11 29.08 19.39 -11.53
C SER B 11 29.82 19.57 -10.21
N GLY B 12 29.30 18.90 -9.20
CA GLY B 12 29.91 18.90 -7.89
C GLY B 12 29.09 18.00 -6.98
N SER B 13 29.74 17.60 -5.88
CA SER B 13 29.07 16.76 -4.90
C SER B 13 28.36 17.60 -3.85
N PRO B 14 27.41 17.02 -3.12
CA PRO B 14 26.71 17.79 -2.09
C PRO B 14 27.70 18.46 -1.14
N GLY B 15 27.42 19.71 -0.81
CA GLY B 15 28.29 20.49 0.04
C GLY B 15 29.49 21.10 -0.64
N GLN B 16 29.83 20.65 -1.86
CA GLN B 16 30.96 21.22 -2.57
C GLN B 16 30.55 22.53 -3.24
N SER B 17 31.52 23.19 -3.87
CA SER B 17 31.31 24.39 -4.64
C SER B 17 31.44 24.10 -6.12
N VAL B 18 30.84 24.97 -6.93
CA VAL B 18 30.98 24.91 -8.37
C VAL B 18 30.94 26.34 -8.90
N THR B 19 31.82 26.63 -9.84
CA THR B 19 31.88 27.94 -10.48
C THR B 19 31.71 27.74 -11.98
N ILE B 20 30.81 28.51 -12.57
CA ILE B 20 30.56 28.48 -14.00
C ILE B 20 30.77 29.88 -14.56
N SER B 21 31.27 29.96 -15.78
CA SER B 21 31.68 31.22 -16.38
C SER B 21 30.76 31.59 -17.55
N CYS B 22 30.78 32.88 -17.87
CA CYS B 22 29.94 33.47 -18.92
C CYS B 22 30.79 34.51 -19.63
N THR B 23 31.29 34.16 -20.82
CA THR B 23 32.24 35.00 -21.55
C THR B 23 31.52 35.78 -22.65
N GLY B 24 31.64 37.11 -22.59
CA GLY B 24 31.07 37.96 -23.61
C GLY B 24 32.13 38.81 -24.30
N THR B 25 31.74 40.00 -24.74
CA THR B 25 32.63 40.93 -25.40
C THR B 25 32.68 42.24 -24.62
N SER B 26 33.55 43.15 -25.06
CA SER B 26 33.69 44.43 -24.37
C SER B 26 32.42 45.28 -24.45
N SER B 27 31.54 45.01 -25.42
CA SER B 27 30.32 45.78 -25.59
C SER B 27 29.10 45.12 -24.96
N ASP B 28 29.26 43.98 -24.29
CA ASP B 28 28.16 43.44 -23.49
C ASP B 28 28.64 43.19 -22.07
N VAL B 29 29.10 41.97 -21.78
CA VAL B 29 29.51 41.64 -20.41
C VAL B 29 30.53 42.64 -19.89
N GLY B 30 31.50 43.00 -20.74
CA GLY B 30 32.51 43.95 -20.34
C GLY B 30 32.12 45.41 -20.47
N GLY B 31 30.93 45.68 -21.02
CA GLY B 31 30.53 47.07 -21.24
C GLY B 31 29.91 47.74 -20.04
N SER B 32 29.27 46.97 -19.17
CA SER B 32 28.65 47.53 -17.98
C SER B 32 28.38 46.40 -16.99
N ASP B 33 27.77 46.75 -15.87
CA ASP B 33 27.44 45.79 -14.81
C ASP B 33 25.99 45.33 -14.92
N SER B 34 25.58 44.87 -16.10
CA SER B 34 24.21 44.44 -16.35
C SER B 34 24.14 42.93 -16.59
N VAL B 35 24.94 42.17 -15.86
CA VAL B 35 24.99 40.72 -16.01
C VAL B 35 23.99 40.09 -15.04
N SER B 36 23.19 39.16 -15.55
CA SER B 36 22.22 38.44 -14.75
C SER B 36 22.44 36.94 -14.91
N TRP B 37 21.99 36.19 -13.91
CA TRP B 37 22.00 34.74 -13.93
C TRP B 37 20.62 34.23 -13.56
N TYR B 38 20.16 33.21 -14.27
CA TYR B 38 18.87 32.60 -14.04
C TYR B 38 19.07 31.11 -13.78
N GLN B 39 18.28 30.57 -12.86
CA GLN B 39 18.23 29.14 -12.60
C GLN B 39 16.91 28.61 -13.14
N GLN B 40 16.95 27.45 -13.79
CA GLN B 40 15.75 26.86 -14.36
C GLN B 40 15.81 25.34 -14.22
N HIS B 41 14.87 24.79 -13.50
CA HIS B 41 14.68 23.35 -13.50
C HIS B 41 13.93 22.93 -14.76
N PRO B 42 14.24 21.77 -15.32
CA PRO B 42 13.54 21.31 -16.53
C PRO B 42 12.03 21.34 -16.37
N GLY B 43 11.35 21.92 -17.37
CA GLY B 43 9.91 21.98 -17.38
C GLY B 43 9.31 22.98 -16.44
N LYS B 44 10.12 23.85 -15.82
CA LYS B 44 9.63 24.87 -14.92
C LYS B 44 10.02 26.24 -15.45
N ALA B 45 9.32 27.27 -14.97
CA ALA B 45 9.73 28.62 -15.25
C ALA B 45 11.07 28.89 -14.58
N PRO B 46 11.87 29.79 -15.14
CA PRO B 46 13.17 30.10 -14.55
C PRO B 46 13.03 31.03 -13.36
N LYS B 47 14.15 31.21 -12.67
CA LYS B 47 14.24 32.06 -11.49
C LYS B 47 15.49 32.90 -11.61
N LEU B 48 15.33 34.21 -11.69
CA LEU B 48 16.47 35.12 -11.60
C LEU B 48 17.13 34.96 -10.24
N ILE B 49 18.43 34.65 -10.23
CA ILE B 49 19.17 34.51 -8.99
C ILE B 49 20.24 35.57 -8.81
N ILE B 50 20.68 36.24 -9.89
CA ILE B 50 21.67 37.30 -9.82
C ILE B 50 21.27 38.37 -10.82
N TYR B 51 21.39 39.63 -10.42
CA TYR B 51 21.26 40.77 -11.33
C TYR B 51 22.35 41.77 -10.98
N GLU B 52 22.70 42.58 -11.98
CA GLU B 52 23.76 43.58 -11.86
C GLU B 52 25.04 42.95 -11.34
N VAL B 53 25.38 41.80 -11.92
CA VAL B 53 26.63 41.08 -11.70
C VAL B 53 26.62 40.29 -10.39
N SER B 54 26.19 40.93 -9.30
CA SER B 54 26.42 40.42 -7.96
C SER B 54 25.22 40.47 -7.03
N GLN B 55 24.11 41.08 -7.41
CA GLN B 55 23.00 41.31 -6.49
C GLN B 55 22.02 40.14 -6.51
N ARG B 56 21.64 39.65 -5.31
CA ARG B 56 20.68 38.55 -5.22
C ARG B 56 19.29 39.09 -4.94
N PRO B 57 18.28 38.68 -5.68
CA PRO B 57 16.89 39.07 -5.34
C PRO B 57 16.51 38.51 -3.98
N SER B 58 15.40 39.04 -3.45
CA SER B 58 14.83 38.53 -2.22
C SER B 58 14.59 37.04 -2.32
N GLY B 59 14.98 36.31 -1.27
CA GLY B 59 14.72 34.89 -1.19
C GLY B 59 15.74 34.00 -1.85
N VAL B 60 16.75 34.56 -2.49
CA VAL B 60 17.83 33.78 -3.10
C VAL B 60 18.91 33.58 -2.05
N PRO B 61 19.25 32.34 -1.68
CA PRO B 61 20.26 32.12 -0.64
C PRO B 61 21.60 32.77 -0.98
N ASN B 62 22.34 33.12 0.06
CA ASN B 62 23.67 33.70 -0.12
C ASN B 62 24.72 32.66 -0.48
N ARG B 63 24.30 31.42 -0.75
CA ARG B 63 25.18 30.42 -1.34
C ARG B 63 25.52 30.74 -2.80
N PHE B 64 24.74 31.60 -3.44
CA PHE B 64 24.95 31.98 -4.83
C PHE B 64 25.65 33.34 -4.87
N SER B 65 26.80 33.39 -5.51
CA SER B 65 27.56 34.63 -5.62
C SER B 65 28.00 34.85 -7.06
N GLY B 66 27.87 36.09 -7.52
CA GLY B 66 28.25 36.45 -8.88
C GLY B 66 29.32 37.52 -8.88
N SER B 67 30.19 37.45 -9.88
CA SER B 67 31.27 38.41 -10.03
C SER B 67 31.57 38.57 -11.52
N LYS B 68 32.52 39.45 -11.82
CA LYS B 68 32.87 39.77 -13.19
C LYS B 68 34.31 40.24 -13.23
N SER B 69 35.04 39.81 -14.26
CA SER B 69 36.40 40.26 -14.52
C SER B 69 36.57 40.36 -16.03
N GLY B 70 36.75 41.57 -16.54
CA GLY B 70 36.86 41.78 -17.97
C GLY B 70 35.58 41.43 -18.70
N ASN B 71 35.67 40.50 -19.64
CA ASN B 71 34.53 40.09 -20.46
C ASN B 71 33.87 38.81 -19.96
N THR B 72 34.26 38.31 -18.79
CA THR B 72 33.77 37.04 -18.28
C THR B 72 33.11 37.25 -16.92
N ALA B 73 31.85 36.85 -16.82
CA ALA B 73 31.14 36.79 -15.56
C ALA B 73 31.18 35.38 -15.01
N SER B 74 31.10 35.27 -13.69
CA SER B 74 31.17 33.98 -13.03
C SER B 74 30.09 33.87 -11.97
N LEU B 75 29.48 32.70 -11.89
CA LEU B 75 28.57 32.34 -10.81
C LEU B 75 29.20 31.23 -10.00
N THR B 76 29.22 31.38 -8.69
CA THR B 76 29.71 30.35 -7.77
C THR B 76 28.56 29.93 -6.88
N VAL B 77 28.27 28.64 -6.87
CA VAL B 77 27.25 28.04 -6.01
C VAL B 77 28.00 27.21 -4.98
N SER B 78 28.04 27.69 -3.74
CA SER B 78 28.67 26.93 -2.67
C SER B 78 27.60 26.12 -1.93
N GLY B 79 28.07 25.23 -1.06
CA GLY B 79 27.19 24.35 -0.32
C GLY B 79 26.15 23.68 -1.18
N LEU B 80 26.58 22.96 -2.22
CA LEU B 80 25.66 22.45 -3.21
C LEU B 80 24.61 21.54 -2.57
N GLN B 81 23.37 21.73 -2.99
CA GLN B 81 22.26 20.90 -2.53
C GLN B 81 21.52 20.34 -3.75
N ALA B 82 20.79 19.26 -3.52
CA ALA B 82 20.12 18.59 -4.63
C ALA B 82 19.26 19.54 -5.45
N GLU B 83 18.70 20.57 -4.82
CA GLU B 83 17.84 21.50 -5.53
C GLU B 83 18.62 22.43 -6.45
N ASP B 84 19.95 22.46 -6.36
CA ASP B 84 20.76 23.26 -7.27
C ASP B 84 21.01 22.59 -8.60
N ASP B 85 20.66 21.31 -8.74
CA ASP B 85 20.78 20.59 -9.99
C ASP B 85 19.77 21.18 -10.98
N ALA B 86 20.26 21.87 -12.00
CA ALA B 86 19.39 22.62 -12.89
C ALA B 86 20.20 23.25 -14.01
N ASP B 87 19.52 23.93 -14.93
CA ASP B 87 20.17 24.73 -15.95
C ASP B 87 20.36 26.15 -15.44
N TYR B 88 21.51 26.74 -15.76
CA TYR B 88 21.84 28.11 -15.37
C TYR B 88 22.20 28.91 -16.61
N TYR B 89 21.47 29.99 -16.84
CA TYR B 89 21.70 30.91 -17.96
C TYR B 89 22.23 32.24 -17.46
N CYS B 90 23.16 32.82 -18.20
CA CYS B 90 23.58 34.19 -17.99
C CYS B 90 23.00 35.08 -19.09
N SER B 91 22.91 36.37 -18.80
CA SER B 91 22.50 37.36 -19.77
C SER B 91 23.28 38.65 -19.52
N SER B 92 23.36 39.47 -20.57
CA SER B 92 23.97 40.78 -20.45
C SER B 92 23.39 41.69 -21.53
N TYR B 93 22.98 42.89 -21.13
CA TYR B 93 22.62 43.90 -22.11
C TYR B 93 23.89 44.41 -22.81
N GLY B 94 23.75 44.76 -24.07
CA GLY B 94 24.78 45.47 -24.79
C GLY B 94 24.29 46.84 -25.21
N GLY B 95 24.84 47.38 -26.29
CA GLY B 95 24.28 48.56 -26.90
C GLY B 95 23.16 48.22 -27.85
N ASP B 96 22.54 49.26 -28.40
CA ASP B 96 21.50 49.08 -29.42
C ASP B 96 20.29 48.32 -28.86
N ASN B 97 20.04 48.48 -27.56
CA ASN B 97 18.93 47.80 -26.88
C ASN B 97 19.02 46.29 -27.04
N ASN B 98 20.23 45.75 -27.10
CA ASN B 98 20.43 44.33 -27.31
C ASN B 98 20.49 43.61 -25.96
N LEU B 99 19.98 42.38 -25.94
CA LEU B 99 20.06 41.50 -24.77
C LEU B 99 20.66 40.18 -25.24
N PHE B 100 21.80 39.82 -24.68
CA PHE B 100 22.51 38.61 -25.04
C PHE B 100 22.31 37.55 -23.96
N PHE B 101 22.18 36.30 -24.38
CA PHE B 101 22.05 35.16 -23.49
C PHE B 101 23.13 34.13 -23.79
N GLY B 102 23.61 33.48 -22.73
CA GLY B 102 24.46 32.33 -22.92
C GLY B 102 23.67 31.09 -23.26
N GLY B 103 24.38 30.08 -23.75
CA GLY B 103 23.74 28.83 -24.13
C GLY B 103 23.22 28.03 -22.95
N GLY B 104 23.61 28.36 -21.74
CA GLY B 104 23.19 27.62 -20.57
C GLY B 104 24.19 26.59 -20.12
N THR B 105 24.31 26.42 -18.81
CA THR B 105 25.15 25.39 -18.22
C THR B 105 24.26 24.49 -17.37
N LYS B 106 24.32 23.18 -17.62
CA LYS B 106 23.61 22.18 -16.83
C LYS B 106 24.52 21.80 -15.66
N VAL B 107 24.17 22.25 -14.46
CA VAL B 107 24.91 21.90 -13.25
C VAL B 107 24.32 20.62 -12.68
N THR B 108 25.16 19.61 -12.49
CA THR B 108 24.77 18.34 -11.92
C THR B 108 25.29 18.23 -10.50
N VAL B 109 24.42 17.90 -9.56
CA VAL B 109 24.82 17.59 -8.20
C VAL B 109 25.02 16.08 -8.12
N LEU B 110 26.28 15.66 -8.01
CA LEU B 110 26.62 14.26 -8.09
C LEU B 110 26.19 13.50 -6.84
N GLY B 111 26.04 12.19 -6.99
CA GLY B 111 25.84 11.30 -5.87
C GLY B 111 24.70 11.66 -4.93
N GLN B 112 23.54 11.94 -5.48
CA GLN B 112 22.36 12.13 -4.65
C GLN B 112 21.87 10.77 -4.15
N PRO B 113 21.29 10.71 -2.95
CA PRO B 113 21.03 9.41 -2.32
C PRO B 113 19.90 8.66 -3.00
N LYS B 114 20.07 7.33 -3.08
CA LYS B 114 19.00 6.47 -3.56
C LYS B 114 17.82 6.53 -2.61
N ALA B 115 16.62 6.34 -3.16
CA ALA B 115 15.40 6.45 -2.37
C ALA B 115 14.35 5.52 -2.96
N ALA B 116 13.77 4.68 -2.10
CA ALA B 116 12.74 3.75 -2.53
C ALA B 116 11.40 4.46 -2.64
N PRO B 117 10.57 4.08 -3.62
CA PRO B 117 9.28 4.77 -3.79
C PRO B 117 8.29 4.49 -2.68
N SER B 118 7.57 5.55 -2.30
CA SER B 118 6.31 5.40 -1.61
C SER B 118 5.24 5.06 -2.65
N VAL B 119 4.42 4.05 -2.34
CA VAL B 119 3.41 3.55 -3.27
C VAL B 119 2.06 3.57 -2.57
N THR B 120 1.10 4.26 -3.17
CA THR B 120 -0.26 4.38 -2.63
C THR B 120 -1.24 4.02 -3.73
N LEU B 121 -2.07 3.01 -3.50
CA LEU B 121 -2.99 2.49 -4.49
C LEU B 121 -4.42 2.89 -4.11
N PHE B 122 -5.12 3.54 -5.05
CA PHE B 122 -6.46 4.05 -4.80
C PHE B 122 -7.49 3.24 -5.58
N PRO B 123 -8.55 2.76 -4.94
CA PRO B 123 -9.64 2.11 -5.68
C PRO B 123 -10.51 3.14 -6.36
N PRO B 124 -11.43 2.72 -7.22
CA PRO B 124 -12.31 3.69 -7.90
C PRO B 124 -13.06 4.55 -6.90
N SER B 125 -13.20 5.83 -7.25
CA SER B 125 -13.96 6.75 -6.41
C SER B 125 -15.45 6.56 -6.63
N SER B 126 -16.24 7.13 -5.71
CA SER B 126 -17.69 7.03 -5.83
C SER B 126 -18.20 7.72 -7.09
N GLU B 127 -17.60 8.87 -7.44
CA GLU B 127 -18.12 9.65 -8.56
C GLU B 127 -17.93 8.92 -9.89
N GLU B 128 -16.79 8.27 -10.08
CA GLU B 128 -16.55 7.64 -11.37
C GLU B 128 -17.32 6.34 -11.53
N LEU B 129 -17.50 5.58 -10.45
CA LEU B 129 -18.38 4.41 -10.51
C LEU B 129 -19.80 4.84 -10.87
N GLN B 130 -20.25 5.98 -10.33
CA GLN B 130 -21.52 6.56 -10.76
C GLN B 130 -21.51 6.81 -12.27
N ALA B 131 -20.39 7.31 -12.79
CA ALA B 131 -20.25 7.59 -14.21
C ALA B 131 -19.88 6.36 -15.03
N ASN B 132 -20.08 5.17 -14.48
CA ASN B 132 -19.81 3.93 -15.20
C ASN B 132 -18.34 3.82 -15.59
N LYS B 133 -17.45 4.22 -14.68
CA LYS B 133 -16.01 4.08 -14.85
C LYS B 133 -15.41 3.55 -13.56
N ALA B 134 -14.26 2.91 -13.68
CA ALA B 134 -13.60 2.25 -12.55
C ALA B 134 -12.09 2.29 -12.71
N THR B 135 -11.53 3.50 -12.81
CA THR B 135 -10.10 3.67 -12.95
C THR B 135 -9.40 3.55 -11.59
N LEU B 136 -8.33 2.77 -11.55
CA LEU B 136 -7.47 2.68 -10.38
C LEU B 136 -6.21 3.47 -10.64
N VAL B 137 -5.67 4.12 -9.61
CA VAL B 137 -4.43 4.87 -9.74
C VAL B 137 -3.44 4.41 -8.69
N CYS B 138 -2.22 4.14 -9.12
CA CYS B 138 -1.10 3.78 -8.26
C CYS B 138 -0.15 4.96 -8.23
N LEU B 139 -0.15 5.70 -7.12
CA LEU B 139 0.69 6.88 -6.96
C LEU B 139 2.05 6.47 -6.42
N ILE B 140 3.09 6.86 -7.15
CA ILE B 140 4.47 6.47 -6.85
C ILE B 140 5.26 7.76 -6.67
N SER B 141 5.82 7.96 -5.49
CA SER B 141 6.50 9.20 -5.18
C SER B 141 7.72 8.94 -4.31
N ASP B 142 8.59 9.94 -4.24
CA ASP B 142 9.72 9.99 -3.32
C ASP B 142 10.84 9.04 -3.70
N PHE B 143 10.94 8.64 -4.96
CA PHE B 143 11.97 7.70 -5.37
C PHE B 143 13.07 8.38 -6.17
N TYR B 144 14.26 7.80 -6.09
CA TYR B 144 15.44 8.31 -6.76
C TYR B 144 16.41 7.14 -6.94
N PRO B 145 17.00 6.94 -8.14
CA PRO B 145 16.84 7.73 -9.37
C PRO B 145 15.44 7.61 -9.98
N GLY B 146 15.15 8.39 -11.02
CA GLY B 146 13.81 8.49 -11.56
C GLY B 146 13.47 7.46 -12.63
N ALA B 147 13.56 6.19 -12.27
CA ALA B 147 13.17 5.11 -13.17
C ALA B 147 12.44 4.05 -12.36
N VAL B 148 11.26 3.64 -12.85
CA VAL B 148 10.45 2.60 -12.23
C VAL B 148 9.77 1.80 -13.35
N THR B 149 9.41 0.56 -13.02
CA THR B 149 8.54 -0.24 -13.87
C THR B 149 7.37 -0.72 -13.02
N VAL B 150 6.20 -0.79 -13.64
CA VAL B 150 4.95 -1.06 -12.94
C VAL B 150 4.25 -2.23 -13.62
N ALA B 151 3.82 -3.21 -12.84
CA ALA B 151 2.99 -4.30 -13.32
C ALA B 151 1.74 -4.37 -12.46
N TRP B 152 0.64 -4.76 -13.09
CA TRP B 152 -0.66 -4.85 -12.44
C TRP B 152 -1.14 -6.28 -12.42
N LYS B 153 -1.92 -6.61 -11.39
CA LYS B 153 -2.47 -7.94 -11.22
C LYS B 153 -3.98 -7.84 -11.01
N ALA B 154 -4.72 -8.74 -11.65
CA ALA B 154 -6.13 -8.98 -11.37
C ALA B 154 -6.20 -10.29 -10.60
N ASP B 155 -6.65 -10.22 -9.35
CA ASP B 155 -6.40 -11.32 -8.42
C ASP B 155 -4.90 -11.62 -8.46
N SER B 156 -4.51 -12.81 -8.88
CA SER B 156 -3.09 -13.14 -8.98
C SER B 156 -2.57 -13.16 -10.41
N SER B 157 -3.43 -12.86 -11.39
CA SER B 157 -3.07 -13.00 -12.79
C SER B 157 -2.59 -11.67 -13.36
N PRO B 158 -1.60 -11.69 -14.27
CA PRO B 158 -1.09 -10.42 -14.79
C PRO B 158 -2.16 -9.67 -15.57
N VAL B 159 -2.12 -8.35 -15.48
CA VAL B 159 -2.98 -7.47 -16.27
C VAL B 159 -2.16 -6.99 -17.46
N LYS B 160 -2.62 -7.35 -18.66
CA LYS B 160 -1.84 -7.09 -19.87
C LYS B 160 -2.34 -5.88 -20.66
N ALA B 161 -3.48 -5.32 -20.31
CA ALA B 161 -4.08 -4.25 -21.09
C ALA B 161 -4.64 -3.18 -20.16
N GLY B 162 -4.87 -2.00 -20.73
CA GLY B 162 -5.50 -0.90 -19.99
C GLY B 162 -4.60 -0.18 -19.03
N VAL B 163 -3.29 -0.39 -19.12
CA VAL B 163 -2.33 0.21 -18.19
C VAL B 163 -1.64 1.38 -18.87
N GLU B 164 -1.47 2.47 -18.13
CA GLU B 164 -0.64 3.59 -18.53
C GLU B 164 0.17 4.04 -17.32
N THR B 165 1.44 4.37 -17.53
CA THR B 165 2.30 4.88 -16.48
C THR B 165 2.98 6.14 -16.99
N THR B 166 2.88 7.22 -16.21
CA THR B 166 3.46 8.49 -16.63
C THR B 166 4.97 8.47 -16.48
N THR B 167 5.64 9.29 -17.30
CA THR B 167 7.08 9.43 -17.19
C THR B 167 7.41 10.13 -15.89
N PRO B 168 8.29 9.57 -15.05
CA PRO B 168 8.57 10.20 -13.75
C PRO B 168 9.11 11.62 -13.94
N SER B 169 8.68 12.52 -13.06
CA SER B 169 9.15 13.90 -13.07
C SER B 169 9.60 14.27 -11.67
N LYS B 170 10.64 15.10 -11.61
CA LYS B 170 11.17 15.51 -10.31
C LYS B 170 10.24 16.53 -9.67
N GLN B 171 9.98 16.36 -8.38
CA GLN B 171 9.09 17.22 -7.62
C GLN B 171 9.89 18.10 -6.66
N SER B 172 9.18 18.80 -5.77
CA SER B 172 9.81 19.85 -4.97
C SER B 172 10.81 19.30 -3.96
N ASN B 173 10.68 18.03 -3.56
CA ASN B 173 11.66 17.43 -2.67
C ASN B 173 12.86 16.84 -3.42
N ASN B 174 13.01 17.18 -4.70
CA ASN B 174 14.11 16.73 -5.54
C ASN B 174 14.05 15.22 -5.82
N LYS B 175 12.95 14.57 -5.50
CA LYS B 175 12.72 13.17 -5.82
C LYS B 175 11.57 13.07 -6.81
N TYR B 176 11.48 11.91 -7.43
CA TYR B 176 10.61 11.73 -8.58
C TYR B 176 9.24 11.22 -8.16
N ALA B 177 8.24 11.53 -8.99
CA ALA B 177 6.89 11.06 -8.78
C ALA B 177 6.31 10.61 -10.12
N ALA B 178 5.43 9.62 -10.05
CA ALA B 178 4.74 9.11 -11.22
C ALA B 178 3.45 8.44 -10.76
N SER B 179 2.54 8.27 -11.71
CA SER B 179 1.29 7.56 -11.47
C SER B 179 1.10 6.51 -12.56
N SER B 180 0.73 5.31 -12.15
CA SER B 180 0.22 4.29 -13.06
C SER B 180 -1.28 4.19 -12.81
N TYR B 181 -2.06 4.13 -13.88
CA TYR B 181 -3.50 4.03 -13.73
C TYR B 181 -4.03 2.97 -14.68
N LEU B 182 -4.99 2.20 -14.17
CA LEU B 182 -5.58 1.08 -14.89
C LEU B 182 -7.05 1.38 -15.11
N SER B 183 -7.45 1.44 -16.37
CA SER B 183 -8.84 1.71 -16.74
C SER B 183 -9.60 0.39 -16.73
N LEU B 184 -10.51 0.25 -15.77
CA LEU B 184 -11.40 -0.89 -15.70
C LEU B 184 -12.84 -0.42 -15.91
N THR B 185 -13.67 -1.31 -16.41
CA THR B 185 -15.11 -1.13 -16.30
C THR B 185 -15.54 -1.47 -14.87
N PRO B 186 -16.67 -0.92 -14.41
CA PRO B 186 -17.17 -1.32 -13.08
C PRO B 186 -17.36 -2.83 -12.96
N GLU B 187 -17.64 -3.52 -14.07
CA GLU B 187 -17.81 -4.96 -14.04
C GLU B 187 -16.50 -5.67 -13.70
N GLN B 188 -15.42 -5.32 -14.40
CA GLN B 188 -14.12 -5.91 -14.11
C GLN B 188 -13.74 -5.69 -12.65
N TRP B 189 -13.91 -4.46 -12.16
CA TRP B 189 -13.56 -4.15 -10.78
C TRP B 189 -14.35 -5.01 -9.81
N LYS B 190 -15.64 -5.22 -10.08
CA LYS B 190 -16.50 -5.95 -9.15
C LYS B 190 -16.36 -7.46 -9.29
N SER B 191 -15.92 -7.95 -10.44
CA SER B 191 -15.86 -9.40 -10.65
C SER B 191 -14.63 -10.05 -10.04
N HIS B 192 -13.63 -9.28 -9.62
CA HIS B 192 -12.39 -9.82 -9.10
C HIS B 192 -12.32 -9.64 -7.59
N ARG B 193 -11.50 -10.48 -6.94
CA ARG B 193 -11.30 -10.36 -5.51
C ARG B 193 -10.48 -9.11 -5.18
N SER B 194 -9.50 -8.80 -6.03
CA SER B 194 -8.62 -7.66 -5.76
C SER B 194 -7.87 -7.29 -7.03
N TYR B 195 -7.27 -6.11 -6.98
CA TYR B 195 -6.29 -5.66 -7.96
C TYR B 195 -5.05 -5.21 -7.21
N SER B 196 -3.87 -5.46 -7.78
CA SER B 196 -2.60 -5.09 -7.16
C SER B 196 -1.75 -4.29 -8.14
N CYS B 197 -0.97 -3.37 -7.57
CA CYS B 197 0.03 -2.58 -8.26
C CYS B 197 1.41 -3.00 -7.75
N GLN B 198 2.30 -3.40 -8.66
CA GLN B 198 3.64 -3.84 -8.31
C GLN B 198 4.64 -2.88 -8.94
N VAL B 199 5.35 -2.14 -8.09
CA VAL B 199 6.28 -1.12 -8.52
C VAL B 199 7.70 -1.62 -8.24
N THR B 200 8.51 -1.68 -9.28
CA THR B 200 9.89 -2.12 -9.18
C THR B 200 10.82 -0.91 -9.36
N HIS B 201 11.65 -0.67 -8.36
CA HIS B 201 12.63 0.42 -8.41
C HIS B 201 13.97 -0.15 -7.97
N GLU B 202 14.95 -0.14 -8.87
CA GLU B 202 16.30 -0.58 -8.55
C GLU B 202 16.29 -2.01 -8.00
N GLY B 203 15.57 -2.89 -8.70
CA GLY B 203 15.53 -4.29 -8.37
C GLY B 203 14.68 -4.66 -7.17
N SER B 204 14.13 -3.69 -6.46
CA SER B 204 13.26 -3.94 -5.31
C SER B 204 11.83 -3.58 -5.66
N THR B 205 10.90 -4.46 -5.30
CA THR B 205 9.50 -4.33 -5.68
C THR B 205 8.64 -4.02 -4.46
N VAL B 206 7.76 -3.05 -4.61
CA VAL B 206 6.72 -2.74 -3.64
C VAL B 206 5.39 -3.12 -4.25
N GLU B 207 4.54 -3.80 -3.48
CA GLU B 207 3.25 -4.28 -3.94
C GLU B 207 2.16 -3.75 -3.03
N LYS B 208 1.09 -3.22 -3.64
CA LYS B 208 -0.11 -2.79 -2.93
C LYS B 208 -1.32 -3.46 -3.56
N THR B 209 -2.34 -3.70 -2.74
CA THR B 209 -3.55 -4.40 -3.17
C THR B 209 -4.78 -3.71 -2.61
N VAL B 210 -5.81 -3.56 -3.44
CA VAL B 210 -7.09 -3.02 -3.02
C VAL B 210 -8.19 -3.93 -3.54
N ALA B 211 -9.32 -3.94 -2.83
CA ALA B 211 -10.45 -4.79 -3.15
C ALA B 211 -11.74 -3.98 -3.11
N PRO B 212 -12.76 -4.43 -3.83
CA PRO B 212 -14.03 -3.68 -3.82
C PRO B 212 -14.52 -3.42 -2.41
N THR B 213 -14.92 -2.17 -2.16
CA THR B 213 -15.24 -1.73 -0.81
C THR B 213 -16.43 -2.49 -0.24
N GLU B 214 -16.48 -2.55 1.09
CA GLU B 214 -17.54 -3.21 1.83
C GLU B 214 -18.31 -2.18 2.67
N CYS B 215 -18.50 -0.99 2.12
CA CYS B 215 -19.19 0.11 2.78
C CYS B 215 -20.52 0.37 2.08
N SER B 216 -21.27 1.33 2.61
CA SER B 216 -22.50 1.79 1.97
C SER B 216 -22.93 3.14 2.56
N GLN C 1 -0.18 -35.55 14.68
CA GLN C 1 -1.33 -35.05 15.48
C GLN C 1 -2.61 -35.83 15.16
N SER C 2 -3.14 -35.62 13.97
CA SER C 2 -4.32 -36.37 13.53
C SER C 2 -3.91 -37.76 13.08
N ALA C 3 -4.88 -38.68 13.11
CA ALA C 3 -4.59 -40.08 12.78
C ALA C 3 -4.21 -40.24 11.32
N LEU C 4 -4.80 -39.46 10.43
CA LEU C 4 -4.39 -39.39 9.03
C LEU C 4 -3.72 -38.05 8.78
N THR C 5 -2.80 -38.02 7.81
CA THR C 5 -1.97 -36.85 7.54
C THR C 5 -2.38 -36.19 6.23
N GLN C 6 -2.82 -34.94 6.32
CA GLN C 6 -3.11 -34.11 5.16
C GLN C 6 -2.16 -32.91 5.16
N PRO C 7 -1.78 -32.40 3.99
CA PRO C 7 -1.02 -31.16 3.96
C PRO C 7 -1.84 -30.03 4.57
N PRO C 8 -1.20 -29.13 5.32
CA PRO C 8 -1.96 -28.03 5.93
C PRO C 8 -2.68 -27.14 4.94
N SER C 9 -2.16 -26.98 3.71
CA SER C 9 -2.75 -26.03 2.79
C SER C 9 -2.40 -26.38 1.35
N ALA C 10 -3.17 -25.81 0.44
CA ALA C 10 -2.92 -25.86 -0.99
C ALA C 10 -3.58 -24.64 -1.60
N SER C 11 -3.23 -24.33 -2.84
CA SER C 11 -3.80 -23.14 -3.47
C SER C 11 -3.73 -23.24 -4.98
N GLY C 12 -4.59 -22.46 -5.63
CA GLY C 12 -4.53 -22.30 -7.07
C GLY C 12 -5.43 -21.16 -7.48
N SER C 13 -5.23 -20.72 -8.72
CA SER C 13 -6.05 -19.65 -9.26
C SER C 13 -7.29 -20.22 -9.93
N PRO C 14 -8.32 -19.41 -10.12
CA PRO C 14 -9.52 -19.90 -10.81
C PRO C 14 -9.18 -20.60 -12.11
N GLY C 15 -9.80 -21.75 -12.32
CA GLY C 15 -9.55 -22.56 -13.48
C GLY C 15 -8.43 -23.57 -13.32
N GLN C 16 -7.55 -23.38 -12.35
CA GLN C 16 -6.47 -24.34 -12.15
C GLN C 16 -6.99 -25.58 -11.44
N SER C 17 -6.13 -26.59 -11.37
CA SER C 17 -6.41 -27.83 -10.65
C SER C 17 -5.52 -27.91 -9.42
N VAL C 18 -6.06 -28.46 -8.35
CA VAL C 18 -5.31 -28.72 -7.13
C VAL C 18 -5.62 -30.14 -6.68
N THR C 19 -4.60 -30.82 -6.19
CA THR C 19 -4.71 -32.18 -5.67
C THR C 19 -4.16 -32.18 -4.25
N ILE C 20 -4.94 -32.73 -3.33
CA ILE C 20 -4.57 -32.80 -1.92
C ILE C 20 -4.59 -34.26 -1.49
N SER C 21 -3.64 -34.63 -0.64
CA SER C 21 -3.41 -36.02 -0.28
C SER C 21 -3.87 -36.31 1.15
N CYS C 22 -4.04 -37.59 1.42
CA CYS C 22 -4.52 -38.10 2.71
C CYS C 22 -3.78 -39.42 2.95
N THR C 23 -2.75 -39.38 3.79
CA THR C 23 -1.84 -40.51 3.97
C THR C 23 -2.14 -41.22 5.29
N GLY C 24 -2.33 -42.54 5.20
CA GLY C 24 -2.59 -43.38 6.35
C GLY C 24 -1.63 -44.56 6.37
N THR C 25 -2.12 -45.67 6.92
CA THR C 25 -1.34 -46.89 7.07
C THR C 25 -2.06 -48.05 6.37
N SER C 26 -1.44 -49.23 6.44
CA SER C 26 -2.01 -50.41 5.80
C SER C 26 -3.36 -50.78 6.41
N SER C 27 -3.60 -50.40 7.66
CA SER C 27 -4.80 -50.81 8.38
C SER C 27 -5.96 -49.83 8.27
N ASP C 28 -5.76 -48.69 7.62
CA ASP C 28 -6.86 -47.75 7.41
C ASP C 28 -7.01 -47.41 5.93
N VAL C 29 -6.34 -46.35 5.47
CA VAL C 29 -6.50 -45.92 4.08
C VAL C 29 -6.18 -47.06 3.13
N GLY C 30 -5.06 -47.74 3.36
CA GLY C 30 -4.69 -48.88 2.56
C GLY C 30 -5.38 -50.18 2.93
N GLY C 31 -6.24 -50.16 3.95
CA GLY C 31 -6.89 -51.37 4.41
C GLY C 31 -8.17 -51.67 3.68
N SER C 32 -8.89 -50.63 3.26
CA SER C 32 -10.15 -50.80 2.55
C SER C 32 -10.31 -49.65 1.55
N ASP C 33 -11.42 -49.68 0.82
CA ASP C 33 -11.80 -48.60 -0.07
C ASP C 33 -12.92 -47.77 0.55
N SER C 34 -12.60 -47.17 1.71
CA SER C 34 -13.57 -46.49 2.54
C SER C 34 -13.13 -45.07 2.89
N VAL C 35 -12.40 -44.43 1.99
CA VAL C 35 -11.98 -43.05 2.22
C VAL C 35 -13.10 -42.11 1.82
N SER C 36 -13.39 -41.13 2.68
CA SER C 36 -14.36 -40.09 2.39
C SER C 36 -13.68 -38.73 2.46
N TRP C 37 -14.22 -37.77 1.73
CA TRP C 37 -13.76 -36.40 1.77
C TRP C 37 -14.91 -35.49 2.15
N TYR C 38 -14.61 -34.50 2.98
CA TYR C 38 -15.59 -33.52 3.43
C TYR C 38 -15.12 -32.12 3.08
N GLN C 39 -16.05 -31.27 2.71
CA GLN C 39 -15.79 -29.86 2.45
C GLN C 39 -16.49 -29.05 3.53
N GLN C 40 -15.79 -28.07 4.09
CA GLN C 40 -16.39 -27.13 5.04
C GLN C 40 -15.94 -25.72 4.71
N HIS C 41 -16.89 -24.84 4.45
CA HIS C 41 -16.63 -23.40 4.50
C HIS C 41 -16.64 -22.98 5.97
N PRO C 42 -15.56 -22.38 6.48
CA PRO C 42 -15.47 -22.16 7.93
C PRO C 42 -16.71 -21.48 8.49
N GLY C 43 -17.11 -21.93 9.68
CA GLY C 43 -18.33 -21.46 10.32
C GLY C 43 -19.60 -22.06 9.78
N LYS C 44 -19.52 -22.93 8.79
CA LYS C 44 -20.67 -23.55 8.16
C LYS C 44 -20.60 -25.06 8.32
N ALA C 45 -21.77 -25.70 8.31
CA ALA C 45 -21.82 -27.15 8.34
C ALA C 45 -20.94 -27.72 7.22
N PRO C 46 -20.24 -28.83 7.46
CA PRO C 46 -19.49 -29.48 6.38
C PRO C 46 -20.42 -30.29 5.49
N LYS C 47 -19.84 -30.81 4.41
CA LYS C 47 -20.58 -31.59 3.42
C LYS C 47 -19.71 -32.74 2.93
N LEU C 48 -20.31 -33.91 2.85
CA LEU C 48 -19.64 -35.05 2.23
C LEU C 48 -19.60 -34.85 0.72
N ILE C 49 -18.39 -34.90 0.14
CA ILE C 49 -18.24 -34.76 -1.30
C ILE C 49 -17.66 -36.00 -1.96
N ILE C 50 -16.98 -36.88 -1.22
CA ILE C 50 -16.52 -38.16 -1.73
C ILE C 50 -16.71 -39.20 -0.64
N TYR C 51 -17.19 -40.38 -1.05
CA TYR C 51 -17.21 -41.54 -0.17
C TYR C 51 -16.71 -42.74 -0.96
N GLU C 52 -16.21 -43.72 -0.22
CA GLU C 52 -15.66 -44.94 -0.81
C GLU C 52 -14.65 -44.60 -1.91
N VAL C 53 -13.73 -43.71 -1.56
CA VAL C 53 -12.57 -43.33 -2.38
C VAL C 53 -12.98 -42.41 -3.52
N SER C 54 -13.98 -42.81 -4.31
CA SER C 54 -14.25 -42.16 -5.58
C SER C 54 -15.69 -41.73 -5.81
N GLN C 55 -16.62 -42.09 -4.94
CA GLN C 55 -18.04 -41.87 -5.20
C GLN C 55 -18.45 -40.44 -4.85
N ARG C 56 -19.08 -39.74 -5.82
CA ARG C 56 -19.60 -38.40 -5.60
C ARG C 56 -21.07 -38.47 -5.16
N PRO C 57 -21.45 -37.89 -4.02
CA PRO C 57 -22.87 -37.79 -3.69
C PRO C 57 -23.63 -37.02 -4.75
N SER C 58 -24.96 -37.15 -4.71
CA SER C 58 -25.81 -36.43 -5.64
C SER C 58 -25.61 -34.92 -5.48
N GLY C 59 -25.47 -34.21 -6.60
CA GLY C 59 -25.27 -32.79 -6.60
C GLY C 59 -23.83 -32.33 -6.59
N VAL C 60 -22.89 -33.22 -6.28
CA VAL C 60 -21.48 -32.85 -6.28
C VAL C 60 -20.94 -32.95 -7.71
N PRO C 61 -20.34 -31.89 -8.24
CA PRO C 61 -19.92 -31.93 -9.65
C PRO C 61 -18.72 -32.84 -9.87
N ASN C 62 -18.59 -33.28 -11.12
CA ASN C 62 -17.47 -34.13 -11.51
C ASN C 62 -16.14 -33.39 -11.54
N ARG C 63 -16.13 -32.09 -11.20
CA ARG C 63 -14.86 -31.41 -10.98
C ARG C 63 -14.10 -32.03 -9.81
N PHE C 64 -14.81 -32.68 -8.89
CA PHE C 64 -14.20 -33.34 -7.75
C PHE C 64 -14.01 -34.83 -8.04
N SER C 65 -12.79 -35.32 -7.88
CA SER C 65 -12.48 -36.72 -8.14
C SER C 65 -11.59 -37.25 -7.02
N GLY C 66 -11.91 -38.46 -6.56
CA GLY C 66 -11.18 -39.11 -5.49
C GLY C 66 -10.48 -40.36 -6.01
N SER C 67 -9.21 -40.49 -5.63
CA SER C 67 -8.40 -41.64 -6.00
C SER C 67 -7.65 -42.14 -4.78
N LYS C 68 -7.01 -43.30 -4.93
CA LYS C 68 -6.21 -43.88 -3.87
C LYS C 68 -5.13 -44.75 -4.48
N SER C 69 -3.93 -44.70 -3.89
CA SER C 69 -2.83 -45.56 -4.29
C SER C 69 -2.10 -45.97 -3.02
N GLY C 70 -2.16 -47.26 -2.69
CA GLY C 70 -1.51 -47.74 -1.48
C GLY C 70 -2.14 -47.17 -0.23
N ASN C 71 -1.33 -46.47 0.57
CA ASN C 71 -1.78 -45.89 1.83
C ASN C 71 -2.10 -44.40 1.73
N THR C 72 -2.23 -43.88 0.51
CA THR C 72 -2.49 -42.46 0.29
C THR C 72 -3.70 -42.30 -0.61
N ALA C 73 -4.71 -41.59 -0.11
CA ALA C 73 -5.84 -41.17 -0.92
C ALA C 73 -5.62 -39.73 -1.37
N SER C 74 -6.23 -39.37 -2.50
CA SER C 74 -6.06 -38.06 -3.08
C SER C 74 -7.40 -37.53 -3.57
N LEU C 75 -7.62 -36.23 -3.36
CA LEU C 75 -8.77 -35.52 -3.91
C LEU C 75 -8.24 -34.49 -4.90
N THR C 76 -8.86 -34.45 -6.08
CA THR C 76 -8.52 -33.50 -7.12
C THR C 76 -9.72 -32.62 -7.40
N VAL C 77 -9.51 -31.31 -7.39
CA VAL C 77 -10.51 -30.33 -7.77
C VAL C 77 -10.03 -29.71 -9.07
N SER C 78 -10.73 -30.00 -10.17
CA SER C 78 -10.42 -29.43 -11.47
C SER C 78 -11.23 -28.16 -11.68
N GLY C 79 -10.66 -27.24 -12.45
CA GLY C 79 -11.31 -25.98 -12.75
C GLY C 79 -11.75 -25.26 -11.49
N LEU C 80 -10.80 -24.93 -10.61
CA LEU C 80 -11.14 -24.29 -9.35
C LEU C 80 -12.09 -23.12 -9.57
N GLN C 81 -13.11 -23.05 -8.72
CA GLN C 81 -14.07 -21.96 -8.70
C GLN C 81 -14.08 -21.33 -7.31
N ALA C 82 -14.59 -20.10 -7.24
CA ALA C 82 -14.56 -19.35 -5.98
C ALA C 82 -15.14 -20.17 -4.83
N GLU C 83 -16.22 -20.91 -5.09
CA GLU C 83 -16.88 -21.67 -4.03
C GLU C 83 -16.05 -22.86 -3.55
N ASP C 84 -14.97 -23.20 -4.24
CA ASP C 84 -14.11 -24.31 -3.82
C ASP C 84 -13.14 -23.91 -2.72
N ASP C 85 -12.96 -22.60 -2.50
CA ASP C 85 -12.15 -22.09 -1.39
C ASP C 85 -12.80 -22.51 -0.07
N ALA C 86 -12.17 -23.44 0.63
CA ALA C 86 -12.75 -24.03 1.84
C ALA C 86 -11.71 -24.92 2.49
N ASP C 87 -12.12 -25.57 3.60
CA ASP C 87 -11.32 -26.58 4.26
C ASP C 87 -11.78 -27.96 3.81
N TYR C 88 -10.81 -28.88 3.65
CA TYR C 88 -11.10 -30.23 3.17
C TYR C 88 -10.54 -31.27 4.12
N TYR C 89 -11.40 -32.19 4.54
CA TYR C 89 -11.04 -33.24 5.49
C TYR C 89 -11.25 -34.61 4.86
N CYS C 90 -10.35 -35.54 5.18
CA CYS C 90 -10.50 -36.92 4.75
C CYS C 90 -10.75 -37.81 5.97
N SER C 91 -11.44 -38.93 5.74
CA SER C 91 -11.63 -39.95 6.76
C SER C 91 -11.47 -41.31 6.11
N SER C 92 -11.15 -42.30 6.95
CA SER C 92 -11.06 -43.68 6.52
C SER C 92 -11.46 -44.57 7.68
N TYR C 93 -12.15 -45.66 7.37
CA TYR C 93 -12.32 -46.72 8.35
C TYR C 93 -10.96 -47.33 8.65
N GLY C 94 -10.86 -48.01 9.78
CA GLY C 94 -9.63 -48.61 10.22
C GLY C 94 -9.83 -50.03 10.70
N GLY C 95 -8.97 -50.44 11.62
CA GLY C 95 -8.95 -51.80 12.13
C GLY C 95 -10.31 -52.39 12.41
N ASP C 96 -10.97 -51.90 13.45
CA ASP C 96 -12.23 -52.47 13.90
C ASP C 96 -13.18 -51.34 14.29
N ASN C 97 -14.21 -51.13 13.46
CA ASN C 97 -15.31 -50.21 13.72
C ASN C 97 -14.85 -48.77 14.02
N ASN C 98 -13.56 -48.48 13.86
CA ASN C 98 -13.01 -47.19 14.24
C ASN C 98 -12.90 -46.29 13.02
N LEU C 99 -13.16 -45.00 13.23
CA LEU C 99 -13.10 -43.99 12.18
C LEU C 99 -11.93 -43.06 12.45
N PHE C 100 -11.09 -42.86 11.44
CA PHE C 100 -9.91 -42.02 11.53
C PHE C 100 -10.04 -40.84 10.60
N PHE C 101 -9.60 -39.66 11.05
CA PHE C 101 -9.73 -38.41 10.32
C PHE C 101 -8.36 -37.77 10.09
N GLY C 102 -8.24 -37.09 8.95
CA GLY C 102 -7.11 -36.22 8.72
C GLY C 102 -7.31 -34.86 9.37
N GLY C 103 -6.22 -34.10 9.45
CA GLY C 103 -6.25 -32.82 10.13
C GLY C 103 -6.83 -31.67 9.34
N GLY C 104 -7.11 -31.86 8.05
CA GLY C 104 -7.70 -30.81 7.25
C GLY C 104 -6.72 -30.05 6.39
N THR C 105 -7.15 -29.66 5.19
CA THR C 105 -6.33 -28.90 4.24
C THR C 105 -7.08 -27.63 3.88
N LYS C 106 -6.45 -26.48 4.11
CA LYS C 106 -7.00 -25.19 3.71
C LYS C 106 -6.67 -24.97 2.23
N VAL C 107 -7.68 -24.94 1.38
CA VAL C 107 -7.51 -24.71 -0.04
C VAL C 107 -7.95 -23.28 -0.34
N THR C 108 -7.01 -22.47 -0.81
CA THR C 108 -7.28 -21.08 -1.17
C THR C 108 -7.36 -20.95 -2.69
N VAL C 109 -8.43 -20.35 -3.17
CA VAL C 109 -8.51 -19.89 -4.56
C VAL C 109 -7.96 -18.48 -4.58
N LEU C 110 -6.74 -18.33 -5.12
CA LEU C 110 -6.00 -17.08 -5.01
C LEU C 110 -6.87 -15.89 -5.36
N GLY C 111 -7.00 -14.96 -4.42
CA GLY C 111 -7.64 -13.69 -4.63
C GLY C 111 -6.67 -12.53 -4.79
N GLN C 112 -5.38 -12.81 -4.63
CA GLN C 112 -4.33 -11.81 -4.80
C GLN C 112 -3.02 -12.57 -4.99
N PRO C 113 -1.95 -11.87 -5.36
CA PRO C 113 -0.67 -12.57 -5.56
C PRO C 113 -0.20 -13.28 -4.29
N LYS C 114 0.49 -14.40 -4.49
CA LYS C 114 1.13 -15.08 -3.38
C LYS C 114 2.24 -14.22 -2.80
N ALA C 115 2.47 -14.35 -1.50
CA ALA C 115 3.44 -13.51 -0.80
C ALA C 115 4.04 -14.32 0.33
N ALA C 116 5.35 -14.51 0.29
CA ALA C 116 6.04 -15.25 1.35
C ALA C 116 6.10 -14.40 2.62
N PRO C 117 6.11 -15.04 3.78
CA PRO C 117 6.06 -14.28 5.03
C PRO C 117 7.38 -13.64 5.41
N SER C 118 7.26 -12.47 6.03
CA SER C 118 8.38 -11.87 6.75
C SER C 118 8.41 -12.46 8.16
N VAL C 119 9.56 -13.01 8.54
CA VAL C 119 9.71 -13.71 9.82
C VAL C 119 10.78 -12.99 10.64
N THR C 120 10.43 -12.61 11.87
CA THR C 120 11.34 -11.95 12.79
C THR C 120 11.25 -12.63 14.14
N LEU C 121 12.37 -13.13 14.64
CA LEU C 121 12.43 -13.87 15.89
C LEU C 121 13.03 -12.99 16.97
N PHE C 122 12.36 -12.90 18.12
CA PHE C 122 12.78 -12.03 19.21
C PHE C 122 13.22 -12.86 20.40
N PRO C 123 14.42 -12.64 20.96
CA PRO C 123 14.78 -13.30 22.22
C PRO C 123 14.00 -12.71 23.38
N PRO C 124 14.15 -13.24 24.58
CA PRO C 124 13.42 -12.69 25.73
C PRO C 124 13.85 -11.27 26.03
N SER C 125 12.88 -10.43 26.40
CA SER C 125 13.19 -9.07 26.79
C SER C 125 13.67 -9.04 28.23
N SER C 126 14.47 -8.02 28.55
CA SER C 126 15.05 -7.91 29.89
C SER C 126 13.97 -7.88 30.97
N GLU C 127 12.92 -7.09 30.76
CA GLU C 127 11.91 -6.94 31.80
C GLU C 127 11.23 -8.26 32.13
N GLU C 128 10.91 -9.07 31.11
CA GLU C 128 10.22 -10.32 31.42
C GLU C 128 11.17 -11.31 32.11
N LEU C 129 12.46 -11.26 31.77
CA LEU C 129 13.41 -12.15 32.43
C LEU C 129 13.51 -11.84 33.92
N GLN C 130 13.38 -10.57 34.30
CA GLN C 130 13.36 -10.19 35.70
C GLN C 130 12.02 -10.48 36.36
N ALA C 131 11.08 -11.08 35.63
CA ALA C 131 9.87 -11.66 36.20
C ALA C 131 9.84 -13.17 36.02
N ASN C 132 11.00 -13.79 35.84
CA ASN C 132 11.12 -15.23 35.64
C ASN C 132 10.25 -15.71 34.47
N LYS C 133 10.19 -14.90 33.41
CA LYS C 133 9.60 -15.30 32.14
C LYS C 133 10.60 -15.09 31.04
N ALA C 134 10.68 -16.04 30.11
CA ALA C 134 11.58 -15.99 28.97
C ALA C 134 10.84 -16.37 27.69
N THR C 135 9.74 -15.67 27.44
CA THR C 135 8.92 -15.93 26.28
C THR C 135 9.62 -15.45 25.02
N LEU C 136 9.70 -16.33 24.02
CA LEU C 136 10.17 -15.98 22.69
C LEU C 136 8.96 -15.67 21.81
N VAL C 137 9.17 -14.79 20.83
CA VAL C 137 8.10 -14.39 19.92
C VAL C 137 8.61 -14.47 18.48
N CYS C 138 7.84 -15.14 17.63
CA CYS C 138 8.13 -15.28 16.21
C CYS C 138 7.04 -14.51 15.45
N LEU C 139 7.40 -13.34 14.96
CA LEU C 139 6.46 -12.48 14.24
C LEU C 139 6.45 -12.87 12.76
N ILE C 140 5.25 -13.12 12.23
CA ILE C 140 5.05 -13.59 10.86
C ILE C 140 4.07 -12.63 10.19
N SER C 141 4.53 -11.89 9.18
CA SER C 141 3.69 -10.86 8.57
C SER C 141 3.85 -10.84 7.06
N ASP C 142 2.86 -10.21 6.42
CA ASP C 142 2.91 -9.85 5.00
C ASP C 142 2.83 -11.08 4.09
N PHE C 143 2.04 -12.09 4.44
CA PHE C 143 1.94 -13.29 3.62
C PHE C 143 0.53 -13.49 3.10
N TYR C 144 0.44 -14.19 1.97
CA TYR C 144 -0.81 -14.59 1.36
C TYR C 144 -0.49 -15.86 0.58
N PRO C 145 -1.35 -16.89 0.64
CA PRO C 145 -2.61 -17.01 1.39
C PRO C 145 -2.40 -16.96 2.89
N GLY C 146 -3.45 -16.71 3.66
CA GLY C 146 -3.32 -16.54 5.09
C GLY C 146 -3.31 -17.86 5.83
N ALA C 147 -2.37 -18.74 5.47
CA ALA C 147 -2.23 -20.03 6.12
C ALA C 147 -0.74 -20.30 6.34
N VAL C 148 -0.42 -20.79 7.53
CA VAL C 148 0.97 -21.00 7.91
C VAL C 148 1.00 -22.04 9.00
N THR C 149 2.09 -22.81 9.04
CA THR C 149 2.38 -23.74 10.13
C THR C 149 3.73 -23.39 10.72
N VAL C 150 3.87 -23.55 12.03
CA VAL C 150 5.04 -23.10 12.78
C VAL C 150 5.62 -24.27 13.57
N ALA C 151 6.95 -24.40 13.52
CA ALA C 151 7.67 -25.41 14.28
C ALA C 151 8.81 -24.75 15.02
N TRP C 152 8.98 -25.13 16.28
CA TRP C 152 10.02 -24.59 17.14
C TRP C 152 11.07 -25.66 17.42
N LYS C 153 12.31 -25.21 17.59
CA LYS C 153 13.42 -26.11 17.88
C LYS C 153 14.29 -25.53 18.98
N ALA C 154 14.63 -26.35 19.97
CA ALA C 154 15.68 -26.06 20.94
C ALA C 154 16.92 -26.79 20.44
N ASP C 155 17.92 -26.02 19.99
CA ASP C 155 19.06 -26.58 19.28
C ASP C 155 18.58 -27.23 17.99
N SER C 156 18.53 -28.57 17.95
CA SER C 156 18.05 -29.31 16.79
C SER C 156 16.95 -30.29 17.15
N SER C 157 16.34 -30.13 18.32
CA SER C 157 15.28 -31.03 18.77
C SER C 157 13.93 -30.32 18.69
N PRO C 158 12.90 -30.96 18.14
CA PRO C 158 11.57 -30.33 18.15
C PRO C 158 11.12 -30.07 19.58
N VAL C 159 10.36 -28.99 19.75
CA VAL C 159 9.75 -28.64 21.03
C VAL C 159 8.26 -28.43 20.81
N LYS C 160 7.45 -29.13 21.60
CA LYS C 160 6.00 -29.05 21.51
C LYS C 160 5.36 -28.34 22.69
N ALA C 161 6.07 -28.22 23.80
CA ALA C 161 5.48 -27.66 25.02
C ALA C 161 5.55 -26.14 24.99
N GLY C 162 4.44 -25.50 25.35
CA GLY C 162 4.42 -24.06 25.51
C GLY C 162 4.30 -23.27 24.23
N VAL C 163 3.97 -23.90 23.12
CA VAL C 163 3.83 -23.21 21.84
C VAL C 163 2.40 -22.74 21.69
N GLU C 164 2.23 -21.47 21.31
CA GLU C 164 0.94 -20.90 20.96
C GLU C 164 1.13 -20.09 19.68
N THR C 165 0.17 -20.17 18.78
CA THR C 165 0.22 -19.40 17.55
C THR C 165 -1.15 -18.80 17.29
N THR C 166 -1.18 -17.52 16.97
CA THR C 166 -2.44 -16.82 16.76
C THR C 166 -3.01 -17.15 15.37
N THR C 167 -4.31 -16.97 15.26
CA THR C 167 -4.96 -17.16 13.97
C THR C 167 -4.56 -16.03 13.03
N PRO C 168 -4.06 -16.32 11.83
CA PRO C 168 -3.67 -15.24 10.93
C PRO C 168 -4.84 -14.31 10.66
N SER C 169 -4.57 -13.02 10.67
CA SER C 169 -5.57 -11.99 10.39
C SER C 169 -5.01 -11.05 9.36
N LYS C 170 -5.89 -10.58 8.47
CA LYS C 170 -5.49 -9.66 7.41
C LYS C 170 -5.25 -8.26 7.98
N GLN C 171 -4.15 -7.64 7.58
CA GLN C 171 -3.75 -6.36 8.13
C GLN C 171 -4.06 -5.24 7.13
N SER C 172 -3.63 -4.02 7.45
CA SER C 172 -4.03 -2.86 6.66
C SER C 172 -3.50 -2.92 5.23
N ASN C 173 -2.45 -3.70 4.98
CA ASN C 173 -1.91 -3.88 3.64
C ASN C 173 -2.58 -5.02 2.89
N ASN C 174 -3.66 -5.59 3.43
CA ASN C 174 -4.39 -6.72 2.86
C ASN C 174 -3.57 -7.99 2.80
N LYS C 175 -2.45 -8.06 3.53
CA LYS C 175 -1.71 -9.29 3.76
C LYS C 175 -1.88 -9.72 5.22
N TYR C 176 -1.59 -11.00 5.46
CA TYR C 176 -1.86 -11.61 6.76
C TYR C 176 -0.67 -11.50 7.69
N ALA C 177 -0.98 -11.51 8.99
CA ALA C 177 0.04 -11.47 10.02
C ALA C 177 -0.39 -12.36 11.16
N ALA C 178 0.60 -12.92 11.85
CA ALA C 178 0.34 -13.75 13.02
C ALA C 178 1.61 -13.78 13.84
N SER C 179 1.49 -14.34 15.04
CA SER C 179 2.59 -14.47 15.98
C SER C 179 2.58 -15.87 16.56
N SER C 180 3.76 -16.44 16.74
CA SER C 180 3.94 -17.66 17.51
C SER C 180 4.86 -17.34 18.68
N TYR C 181 4.44 -17.68 19.90
CA TYR C 181 5.25 -17.41 21.08
C TYR C 181 5.45 -18.71 21.86
N LEU C 182 6.71 -18.95 22.24
CA LEU C 182 7.10 -20.13 23.01
C LEU C 182 7.47 -19.66 24.41
N SER C 183 6.67 -20.05 25.39
CA SER C 183 6.81 -19.54 26.76
C SER C 183 7.80 -20.41 27.51
N LEU C 184 9.05 -19.96 27.58
CA LEU C 184 10.12 -20.70 28.24
C LEU C 184 10.42 -20.11 29.61
N THR C 185 10.91 -20.96 30.50
CA THR C 185 11.49 -20.49 31.74
C THR C 185 12.88 -19.94 31.46
N PRO C 186 13.40 -19.07 32.33
CA PRO C 186 14.78 -18.62 32.15
C PRO C 186 15.79 -19.77 32.16
N GLU C 187 15.51 -20.84 32.90
CA GLU C 187 16.40 -21.99 32.90
C GLU C 187 16.41 -22.67 31.54
N GLN C 188 15.22 -22.98 31.00
CA GLN C 188 15.13 -23.55 29.67
C GLN C 188 15.89 -22.70 28.65
N TRP C 189 15.60 -21.39 28.62
CA TRP C 189 16.26 -20.52 27.66
C TRP C 189 17.77 -20.53 27.82
N LYS C 190 18.26 -20.66 29.06
CA LYS C 190 19.69 -20.62 29.31
C LYS C 190 20.37 -21.97 29.21
N SER C 191 19.60 -23.06 29.12
CA SER C 191 20.19 -24.40 29.09
C SER C 191 20.41 -24.93 27.68
N HIS C 192 20.11 -24.15 26.65
CA HIS C 192 20.29 -24.56 25.27
C HIS C 192 21.17 -23.55 24.53
N ARG C 193 21.77 -24.01 23.44
CA ARG C 193 22.66 -23.14 22.66
C ARG C 193 21.90 -22.14 21.81
N SER C 194 20.71 -22.49 21.35
CA SER C 194 19.92 -21.57 20.53
C SER C 194 18.50 -22.12 20.41
N TYR C 195 17.59 -21.27 19.96
CA TYR C 195 16.23 -21.64 19.65
C TYR C 195 15.90 -21.15 18.24
N SER C 196 15.03 -21.88 17.56
CA SER C 196 14.68 -21.58 16.18
C SER C 196 13.18 -21.63 15.97
N CYS C 197 12.71 -20.77 15.07
CA CYS C 197 11.32 -20.73 14.64
C CYS C 197 11.28 -21.01 13.14
N GLN C 198 10.61 -22.09 12.75
CA GLN C 198 10.51 -22.49 11.36
C GLN C 198 9.08 -22.23 10.88
N VAL C 199 8.95 -21.40 9.85
CA VAL C 199 7.66 -20.99 9.30
C VAL C 199 7.52 -21.57 7.90
N THR C 200 6.46 -22.35 7.68
CA THR C 200 6.18 -22.98 6.39
C THR C 200 5.00 -22.28 5.73
N HIS C 201 5.16 -21.93 4.45
CA HIS C 201 4.13 -21.22 3.70
C HIS C 201 4.19 -21.65 2.24
N GLU C 202 3.06 -22.05 1.69
CA GLU C 202 2.99 -22.53 0.31
C GLU C 202 4.08 -23.58 0.05
N GLY C 203 4.20 -24.53 0.96
CA GLY C 203 5.14 -25.61 0.80
C GLY C 203 6.61 -25.22 0.82
N SER C 204 6.94 -24.03 1.32
CA SER C 204 8.32 -23.58 1.44
C SER C 204 8.55 -23.09 2.87
N THR C 205 9.81 -23.12 3.30
CA THR C 205 10.14 -22.86 4.70
C THR C 205 11.07 -21.66 4.85
N VAL C 206 10.96 -21.02 6.00
CA VAL C 206 11.91 -20.02 6.47
C VAL C 206 12.19 -20.29 7.93
N GLU C 207 13.45 -20.20 8.34
CA GLU C 207 13.84 -20.51 9.71
C GLU C 207 14.75 -19.41 10.25
N LYS C 208 14.39 -18.89 11.41
CA LYS C 208 15.19 -17.91 12.12
C LYS C 208 15.68 -18.53 13.42
N THR C 209 16.85 -18.08 13.87
CA THR C 209 17.47 -18.61 15.07
C THR C 209 17.93 -17.47 15.96
N VAL C 210 17.81 -17.66 17.28
CA VAL C 210 18.29 -16.71 18.28
C VAL C 210 19.09 -17.50 19.31
N ALA C 211 19.94 -16.80 20.04
CA ALA C 211 20.81 -17.41 21.04
C ALA C 211 20.96 -16.49 22.23
N PRO C 212 21.22 -17.04 23.41
CA PRO C 212 21.48 -16.18 24.57
C PRO C 212 22.72 -15.34 24.37
N THR C 213 22.72 -14.15 24.98
CA THR C 213 23.86 -13.24 24.96
C THR C 213 24.14 -12.79 26.39
N GLU C 214 25.43 -12.71 26.73
CA GLU C 214 25.81 -12.30 28.08
C GLU C 214 25.07 -11.04 28.50
N CYS C 215 24.94 -10.08 27.60
CA CYS C 215 24.22 -8.85 27.89
C CYS C 215 23.00 -8.73 26.97
N GLN D 1 -29.65 -32.03 -1.34
CA GLN D 1 -28.92 -31.39 -0.22
C GLN D 1 -29.89 -30.89 0.85
N SER D 2 -30.20 -31.75 1.81
CA SER D 2 -31.09 -31.43 2.91
C SER D 2 -30.35 -31.59 4.23
N ALA D 3 -30.70 -30.74 5.18
CA ALA D 3 -29.94 -30.61 6.42
C ALA D 3 -30.76 -31.07 7.62
N LEU D 4 -30.10 -31.72 8.56
CA LEU D 4 -30.70 -31.95 9.87
C LEU D 4 -30.92 -30.62 10.57
N THR D 5 -31.89 -30.58 11.47
CA THR D 5 -32.33 -29.35 12.11
C THR D 5 -31.77 -29.27 13.53
N GLN D 6 -30.91 -28.28 13.75
CA GLN D 6 -30.41 -27.93 15.06
C GLN D 6 -30.82 -26.49 15.38
N PRO D 7 -31.02 -26.16 16.65
CA PRO D 7 -31.17 -24.74 17.01
C PRO D 7 -29.87 -24.01 16.75
N PRO D 8 -29.94 -22.79 16.18
CA PRO D 8 -28.69 -22.07 15.90
C PRO D 8 -27.91 -21.70 17.15
N SER D 9 -28.56 -21.60 18.31
CA SER D 9 -27.89 -21.04 19.48
C SER D 9 -28.34 -21.75 20.75
N ALA D 10 -27.41 -21.81 21.71
CA ALA D 10 -27.69 -22.28 23.06
C ALA D 10 -26.67 -21.62 23.97
N SER D 11 -26.99 -21.54 25.26
CA SER D 11 -26.15 -20.79 26.17
C SER D 11 -26.29 -21.32 27.60
N GLY D 12 -25.30 -20.99 28.42
CA GLY D 12 -25.29 -21.37 29.82
C GLY D 12 -24.06 -20.86 30.55
N SER D 13 -24.19 -20.62 31.85
CA SER D 13 -23.06 -20.20 32.66
C SER D 13 -22.28 -21.43 33.12
N PRO D 14 -21.06 -21.24 33.62
CA PRO D 14 -20.26 -22.39 34.05
C PRO D 14 -20.98 -23.18 35.14
N GLY D 15 -20.91 -24.50 35.00
CA GLY D 15 -21.60 -25.41 35.90
C GLY D 15 -23.01 -25.75 35.48
N GLN D 16 -23.58 -25.03 34.53
CA GLN D 16 -24.91 -25.34 34.04
C GLN D 16 -24.86 -26.52 33.06
N SER D 17 -26.04 -27.01 32.70
CA SER D 17 -26.19 -28.01 31.65
C SER D 17 -26.87 -27.37 30.45
N VAL D 18 -26.60 -27.93 29.28
CA VAL D 18 -27.23 -27.49 28.04
C VAL D 18 -27.54 -28.72 27.20
N THR D 19 -28.73 -28.76 26.64
CA THR D 19 -29.16 -29.81 25.72
C THR D 19 -29.45 -29.16 24.37
N ILE D 20 -29.00 -29.79 23.30
CA ILE D 20 -29.25 -29.33 21.94
C ILE D 20 -29.76 -30.50 21.12
N SER D 21 -30.75 -30.24 20.28
CA SER D 21 -31.44 -31.27 19.54
C SER D 21 -30.98 -31.31 18.09
N CYS D 22 -31.20 -32.47 17.46
CA CYS D 22 -30.81 -32.72 16.08
C CYS D 22 -31.94 -33.52 15.44
N THR D 23 -32.82 -32.83 14.73
CA THR D 23 -34.06 -33.41 14.23
C THR D 23 -33.89 -33.80 12.76
N GLY D 24 -34.14 -35.07 12.47
CA GLY D 24 -34.09 -35.56 11.10
C GLY D 24 -35.38 -36.24 10.70
N THR D 25 -35.27 -37.31 9.92
CA THR D 25 -36.43 -38.08 9.47
C THR D 25 -36.22 -39.55 9.82
N SER D 26 -37.22 -40.37 9.48
CA SER D 26 -37.15 -41.79 9.81
C SER D 26 -36.12 -42.53 8.98
N SER D 27 -35.67 -41.97 7.86
CA SER D 27 -34.68 -42.61 7.03
C SER D 27 -33.25 -42.18 7.36
N ASP D 28 -33.07 -41.21 8.26
CA ASP D 28 -31.73 -40.85 8.72
C ASP D 28 -31.62 -41.02 10.24
N VAL D 29 -31.94 -39.97 11.00
CA VAL D 29 -31.73 -40.01 12.45
C VAL D 29 -32.49 -41.19 13.06
N GLY D 30 -33.79 -41.27 12.78
CA GLY D 30 -34.60 -42.38 13.23
C GLY D 30 -34.42 -43.66 12.44
N GLY D 31 -33.45 -43.69 11.53
CA GLY D 31 -33.23 -44.86 10.71
C GLY D 31 -32.27 -45.87 11.31
N SER D 32 -31.28 -45.38 12.06
CA SER D 32 -30.28 -46.26 12.64
C SER D 32 -29.60 -45.54 13.80
N ASP D 33 -28.67 -46.24 14.44
CA ASP D 33 -27.87 -45.69 15.53
C ASP D 33 -26.52 -45.18 15.02
N SER D 34 -26.55 -44.35 13.98
CA SER D 34 -25.34 -43.85 13.34
C SER D 34 -25.19 -42.34 13.51
N VAL D 35 -25.70 -41.80 14.61
CA VAL D 35 -25.67 -40.37 14.85
C VAL D 35 -24.35 -40.01 15.54
N SER D 36 -23.75 -38.92 15.08
CA SER D 36 -22.49 -38.43 15.62
C SER D 36 -22.61 -36.94 15.92
N TRP D 37 -21.79 -36.48 16.87
CA TRP D 37 -21.71 -35.07 17.24
C TRP D 37 -20.26 -34.63 17.18
N TYR D 38 -20.05 -33.40 16.69
CA TYR D 38 -18.72 -32.81 16.57
C TYR D 38 -18.66 -31.47 17.27
N GLN D 39 -17.55 -31.22 17.96
CA GLN D 39 -17.25 -29.92 18.54
C GLN D 39 -16.22 -29.21 17.67
N GLN D 40 -16.42 -27.92 17.44
CA GLN D 40 -15.47 -27.16 16.63
C GLN D 40 -15.33 -25.74 17.19
N HIS D 41 -14.15 -25.42 17.70
CA HIS D 41 -13.84 -24.03 18.01
C HIS D 41 -13.62 -23.25 16.71
N PRO D 42 -14.03 -22.00 16.65
CA PRO D 42 -13.81 -21.21 15.44
C PRO D 42 -12.37 -21.23 14.97
N GLY D 43 -12.17 -21.45 13.67
CA GLY D 43 -10.85 -21.47 13.09
C GLY D 43 -10.02 -22.71 13.37
N LYS D 44 -10.58 -23.70 14.05
CA LYS D 44 -9.88 -24.93 14.35
C LYS D 44 -10.55 -26.10 13.67
N ALA D 45 -9.80 -27.18 13.48
CA ALA D 45 -10.39 -28.43 13.04
C ALA D 45 -11.35 -28.95 14.12
N PRO D 46 -12.39 -29.68 13.72
CA PRO D 46 -13.37 -30.16 14.70
C PRO D 46 -12.85 -31.40 15.42
N LYS D 47 -13.69 -31.88 16.34
CA LYS D 47 -13.34 -33.01 17.19
C LYS D 47 -14.61 -33.80 17.43
N LEU D 48 -14.65 -35.03 16.89
CA LEU D 48 -15.77 -35.92 17.16
C LEU D 48 -15.85 -36.17 18.66
N ILE D 49 -17.02 -35.90 19.24
CA ILE D 49 -17.22 -36.12 20.66
C ILE D 49 -18.25 -37.21 20.95
N ILE D 50 -19.08 -37.60 19.98
CA ILE D 50 -20.03 -38.68 20.13
C ILE D 50 -20.16 -39.42 18.81
N TYR D 51 -20.19 -40.74 18.88
CA TYR D 51 -20.53 -41.57 17.72
C TYR D 51 -21.51 -42.64 18.17
N GLU D 52 -22.26 -43.16 17.20
CA GLU D 52 -23.28 -44.18 17.45
C GLU D 52 -24.21 -43.75 18.58
N VAL D 53 -24.70 -42.52 18.47
CA VAL D 53 -25.72 -41.94 19.34
C VAL D 53 -25.17 -41.53 20.70
N SER D 54 -24.44 -42.43 21.36
CA SER D 54 -24.10 -42.26 22.77
C SER D 54 -22.64 -42.52 23.13
N GLN D 55 -21.82 -43.02 22.21
CA GLN D 55 -20.46 -43.42 22.56
C GLN D 55 -19.51 -42.23 22.55
N ARG D 56 -18.70 -42.11 23.60
CA ARG D 56 -17.66 -41.08 23.64
C ARG D 56 -16.33 -41.68 23.23
N PRO D 57 -15.61 -41.08 22.27
CA PRO D 57 -14.24 -41.54 22.00
C PRO D 57 -13.33 -41.20 23.17
N SER D 58 -12.14 -41.79 23.13
CA SER D 58 -11.15 -41.54 24.17
C SER D 58 -10.90 -40.05 24.32
N GLY D 59 -10.67 -39.61 25.56
CA GLY D 59 -10.35 -38.23 25.82
C GLY D 59 -11.52 -37.29 25.94
N VAL D 60 -12.72 -37.72 25.58
CA VAL D 60 -13.92 -36.89 25.67
C VAL D 60 -14.50 -37.05 27.06
N PRO D 61 -14.55 -36.01 27.89
CA PRO D 61 -15.07 -36.16 29.25
C PRO D 61 -16.49 -36.69 29.24
N ASN D 62 -16.86 -37.33 30.34
CA ASN D 62 -18.22 -37.86 30.46
C ASN D 62 -19.26 -36.77 30.73
N ARG D 63 -18.83 -35.49 30.75
CA ARG D 63 -19.77 -34.39 30.76
C ARG D 63 -20.62 -34.33 29.49
N PHE D 64 -20.19 -35.01 28.43
CA PHE D 64 -20.91 -35.02 27.16
C PHE D 64 -21.67 -36.34 27.04
N SER D 65 -22.99 -36.25 26.87
CA SER D 65 -23.82 -37.44 26.74
C SER D 65 -24.73 -37.30 25.53
N GLY D 66 -24.89 -38.39 24.79
CA GLY D 66 -25.74 -38.41 23.61
C GLY D 66 -26.85 -39.43 23.74
N SER D 67 -27.99 -39.12 23.13
CA SER D 67 -29.14 -40.02 23.13
C SER D 67 -29.99 -39.71 21.91
N LYS D 68 -31.09 -40.44 21.79
CA LYS D 68 -31.96 -40.30 20.64
C LYS D 68 -33.36 -40.77 21.02
N SER D 69 -34.36 -40.16 20.38
CA SER D 69 -35.76 -40.56 20.56
C SER D 69 -36.50 -40.19 19.28
N GLY D 70 -37.03 -41.21 18.60
CA GLY D 70 -37.69 -40.93 17.33
C GLY D 70 -36.68 -40.40 16.33
N ASN D 71 -37.02 -39.27 15.70
CA ASN D 71 -36.17 -38.65 14.69
C ASN D 71 -35.35 -37.50 15.25
N THR D 72 -35.22 -37.42 16.56
CA THR D 72 -34.49 -36.33 17.21
C THR D 72 -33.42 -36.92 18.11
N ALA D 73 -32.17 -36.64 17.79
CA ALA D 73 -31.05 -36.95 18.68
C ALA D 73 -30.76 -35.73 19.54
N SER D 74 -30.20 -35.98 20.72
CA SER D 74 -29.90 -34.92 21.67
C SER D 74 -28.51 -35.10 22.24
N LEU D 75 -27.80 -33.99 22.37
CA LEU D 75 -26.51 -33.94 23.06
C LEU D 75 -26.70 -33.11 24.32
N THR D 76 -26.18 -33.59 25.44
CA THR D 76 -26.23 -32.85 26.69
C THR D 76 -24.81 -32.62 27.17
N VAL D 77 -24.50 -31.37 27.46
CA VAL D 77 -23.21 -30.98 28.03
C VAL D 77 -23.50 -30.56 29.46
N SER D 78 -23.06 -31.36 30.42
CA SER D 78 -23.19 -31.00 31.82
C SER D 78 -21.92 -30.29 32.28
N GLY D 79 -22.07 -29.57 33.39
CA GLY D 79 -20.97 -28.85 34.00
C GLY D 79 -20.23 -27.99 33.00
N LEU D 80 -20.96 -27.08 32.34
CA LEU D 80 -20.37 -26.26 31.29
C LEU D 80 -19.06 -25.63 31.75
N GLN D 81 -18.05 -25.72 30.89
CA GLN D 81 -16.74 -25.13 31.11
C GLN D 81 -16.41 -24.18 29.96
N ALA D 82 -15.48 -23.26 30.21
CA ALA D 82 -15.14 -22.26 29.21
C ALA D 82 -14.79 -22.91 27.87
N GLU D 83 -14.09 -24.05 27.90
CA GLU D 83 -13.66 -24.70 26.67
C GLU D 83 -14.82 -25.32 25.90
N ASP D 84 -16.03 -25.35 26.45
CA ASP D 84 -17.19 -25.86 25.73
C ASP D 84 -17.80 -24.83 24.78
N ASP D 85 -17.41 -23.55 24.91
CA ASP D 85 -17.88 -22.50 24.04
C ASP D 85 -17.36 -22.77 22.63
N ALA D 86 -18.24 -23.20 21.74
CA ALA D 86 -17.86 -23.64 20.42
C ALA D 86 -19.11 -23.93 19.60
N ASP D 87 -18.91 -24.28 18.34
CA ASP D 87 -19.98 -24.78 17.49
C ASP D 87 -20.08 -26.28 17.63
N TYR D 88 -21.30 -26.80 17.53
CA TYR D 88 -21.58 -28.23 17.65
C TYR D 88 -22.42 -28.69 16.47
N TYR D 89 -21.93 -29.71 15.76
CA TYR D 89 -22.61 -30.26 14.59
C TYR D 89 -23.01 -31.71 14.84
N CYS D 90 -24.19 -32.07 14.35
CA CYS D 90 -24.65 -33.45 14.35
C CYS D 90 -24.65 -33.97 12.93
N SER D 91 -24.48 -35.28 12.80
CA SER D 91 -24.56 -35.97 11.53
C SER D 91 -25.28 -37.29 11.73
N SER D 92 -25.90 -37.78 10.66
CA SER D 92 -26.52 -39.09 10.64
C SER D 92 -26.37 -39.68 9.25
N TYR D 93 -25.97 -40.95 9.19
CA TYR D 93 -26.06 -41.69 7.94
C TYR D 93 -27.52 -42.04 7.66
N GLY D 94 -27.86 -42.06 6.38
CA GLY D 94 -29.20 -42.38 5.94
C GLY D 94 -29.18 -43.46 4.87
N GLY D 95 -30.13 -43.35 3.95
CA GLY D 95 -30.27 -44.33 2.89
C GLY D 95 -29.37 -44.00 1.70
N ASP D 96 -28.74 -45.04 1.16
CA ASP D 96 -27.97 -44.94 -0.09
C ASP D 96 -26.77 -44.04 0.08
N ASN D 97 -25.91 -44.38 1.03
CA ASN D 97 -24.61 -43.77 1.26
C ASN D 97 -24.70 -42.28 1.58
N ASN D 98 -25.90 -41.77 1.89
CA ASN D 98 -26.07 -40.36 2.19
C ASN D 98 -25.62 -40.06 3.62
N LEU D 99 -24.91 -38.94 3.78
CA LEU D 99 -24.47 -38.46 5.09
C LEU D 99 -25.04 -37.07 5.30
N PHE D 100 -25.99 -36.95 6.22
CA PHE D 100 -26.63 -35.69 6.55
C PHE D 100 -25.88 -35.00 7.69
N PHE D 101 -25.78 -33.67 7.58
CA PHE D 101 -25.21 -32.83 8.62
C PHE D 101 -26.24 -31.79 9.05
N GLY D 102 -26.27 -31.51 10.36
CA GLY D 102 -27.06 -30.42 10.84
C GLY D 102 -26.39 -29.08 10.60
N GLY D 103 -27.19 -28.02 10.70
CA GLY D 103 -26.69 -26.68 10.45
C GLY D 103 -25.71 -26.18 11.49
N GLY D 104 -25.66 -26.82 12.65
CA GLY D 104 -24.73 -26.42 13.69
C GLY D 104 -25.39 -25.56 14.75
N THR D 105 -24.93 -25.72 15.99
CA THR D 105 -25.39 -24.93 17.11
C THR D 105 -24.19 -24.28 17.77
N LYS D 106 -24.22 -22.96 17.93
CA LYS D 106 -23.22 -22.20 18.66
C LYS D 106 -23.58 -22.20 20.13
N VAL D 107 -22.78 -22.86 20.95
CA VAL D 107 -22.97 -22.88 22.40
C VAL D 107 -22.13 -21.77 23.02
N THR D 108 -22.79 -20.84 23.69
CA THR D 108 -22.11 -19.75 24.38
C THR D 108 -22.02 -20.05 25.87
N VAL D 109 -20.81 -20.00 26.41
CA VAL D 109 -20.58 -20.16 27.83
C VAL D 109 -20.52 -18.75 28.41
N LEU D 110 -21.60 -18.36 29.08
CA LEU D 110 -21.76 -17.00 29.57
C LEU D 110 -20.91 -16.73 30.80
N GLY D 111 -20.59 -15.45 31.00
CA GLY D 111 -19.96 -15.02 32.23
C GLY D 111 -18.60 -15.62 32.50
N GLN D 112 -17.81 -15.82 31.45
CA GLN D 112 -16.45 -16.30 31.66
C GLN D 112 -15.62 -15.23 32.38
N PRO D 113 -14.65 -15.64 33.18
CA PRO D 113 -13.94 -14.66 34.02
C PRO D 113 -13.19 -13.62 33.19
N LYS D 114 -13.26 -12.38 33.65
CA LYS D 114 -12.46 -11.32 33.07
C LYS D 114 -10.99 -11.53 33.40
N ALA D 115 -10.12 -11.12 32.48
CA ALA D 115 -8.69 -11.33 32.66
C ALA D 115 -7.94 -10.19 31.98
N ALA D 116 -7.09 -9.51 32.73
CA ALA D 116 -6.28 -8.45 32.16
C ALA D 116 -5.17 -9.06 31.29
N PRO D 117 -4.72 -8.34 30.28
CA PRO D 117 -3.67 -8.88 29.41
C PRO D 117 -2.30 -8.84 30.06
N SER D 118 -1.53 -9.90 29.85
CA SER D 118 -0.10 -9.85 30.05
C SER D 118 0.53 -9.20 28.83
N VAL D 119 1.32 -8.14 29.05
CA VAL D 119 1.91 -7.36 27.97
C VAL D 119 3.42 -7.49 28.04
N THR D 120 4.04 -7.88 26.93
CA THR D 120 5.48 -8.04 26.83
C THR D 120 5.96 -7.31 25.58
N LEU D 121 6.90 -6.39 25.75
CA LEU D 121 7.38 -5.54 24.67
C LEU D 121 8.80 -5.97 24.33
N PHE D 122 9.02 -6.31 23.06
CA PHE D 122 10.31 -6.77 22.59
C PHE D 122 10.96 -5.69 21.74
N PRO D 123 12.19 -5.29 22.04
CA PRO D 123 12.88 -4.32 21.18
C PRO D 123 13.49 -5.00 19.97
N PRO D 124 13.96 -4.23 18.99
CA PRO D 124 14.56 -4.85 17.80
C PRO D 124 15.68 -5.81 18.15
N SER D 125 15.72 -6.94 17.45
CA SER D 125 16.73 -7.95 17.70
C SER D 125 18.02 -7.63 16.94
N SER D 126 19.05 -8.43 17.19
CA SER D 126 20.34 -8.22 16.55
C SER D 126 20.25 -8.42 15.04
N GLU D 127 19.63 -9.53 14.61
CA GLU D 127 19.65 -9.88 13.20
C GLU D 127 18.98 -8.81 12.34
N GLU D 128 17.85 -8.27 12.80
CA GLU D 128 17.12 -7.35 11.93
C GLU D 128 17.75 -5.96 11.93
N LEU D 129 18.32 -5.52 13.05
CA LEU D 129 19.12 -4.29 13.01
C LEU D 129 20.32 -4.46 12.09
N GLN D 130 20.87 -5.68 12.03
CA GLN D 130 21.94 -5.97 11.07
C GLN D 130 21.44 -5.80 9.64
N ALA D 131 20.18 -6.17 9.38
CA ALA D 131 19.59 -6.09 8.05
C ALA D 131 18.91 -4.75 7.80
N ASN D 132 19.28 -3.71 8.53
CA ASN D 132 18.73 -2.37 8.34
C ASN D 132 17.22 -2.36 8.56
N LYS D 133 16.73 -3.18 9.49
CA LYS D 133 15.34 -3.20 9.87
C LYS D 133 15.22 -3.08 11.38
N ALA D 134 14.14 -2.45 11.83
CA ALA D 134 13.85 -2.33 13.25
C ALA D 134 12.35 -2.51 13.42
N THR D 135 11.96 -3.59 14.10
CA THR D 135 10.56 -3.90 14.35
C THR D 135 10.42 -4.22 15.83
N LEU D 136 9.51 -3.52 16.50
CA LEU D 136 9.13 -3.82 17.87
C LEU D 136 7.84 -4.62 17.85
N VAL D 137 7.75 -5.64 18.69
CA VAL D 137 6.52 -6.42 18.83
C VAL D 137 6.04 -6.32 20.27
N CYS D 138 4.76 -6.01 20.43
CA CYS D 138 4.09 -5.93 21.72
C CYS D 138 3.17 -7.14 21.82
N LEU D 139 3.59 -8.15 22.58
CA LEU D 139 2.85 -9.39 22.70
C LEU D 139 1.82 -9.26 23.81
N ILE D 140 0.55 -9.51 23.47
CA ILE D 140 -0.58 -9.32 24.36
C ILE D 140 -1.27 -10.68 24.49
N SER D 141 -1.33 -11.21 25.72
CA SER D 141 -1.83 -12.56 25.91
C SER D 141 -2.68 -12.66 27.17
N ASP D 142 -3.49 -13.71 27.21
CA ASP D 142 -4.23 -14.13 28.40
C ASP D 142 -5.28 -13.11 28.84
N PHE D 143 -5.91 -12.42 27.90
CA PHE D 143 -6.96 -11.48 28.23
C PHE D 143 -8.32 -12.01 27.77
N TYR D 144 -9.35 -11.58 28.48
CA TYR D 144 -10.72 -11.96 28.16
C TYR D 144 -11.58 -10.84 28.72
N PRO D 145 -12.56 -10.34 27.94
CA PRO D 145 -12.94 -10.72 26.57
C PRO D 145 -11.85 -10.41 25.55
N GLY D 146 -12.07 -10.76 24.27
CA GLY D 146 -11.06 -10.64 23.25
C GLY D 146 -11.11 -9.34 22.47
N ALA D 147 -11.11 -8.21 23.19
CA ALA D 147 -11.09 -6.90 22.57
C ALA D 147 -10.07 -6.04 23.29
N VAL D 148 -9.19 -5.39 22.51
CA VAL D 148 -8.19 -4.47 23.05
C VAL D 148 -7.96 -3.36 22.03
N THR D 149 -7.44 -2.23 22.52
CA THR D 149 -6.89 -1.19 21.67
C THR D 149 -5.45 -0.95 22.10
N VAL D 150 -4.63 -0.54 21.14
CA VAL D 150 -3.20 -0.33 21.37
C VAL D 150 -2.83 1.05 20.86
N ALA D 151 -1.97 1.72 21.62
CA ALA D 151 -1.37 2.98 21.22
C ALA D 151 0.13 2.88 21.46
N TRP D 152 0.91 3.48 20.57
CA TRP D 152 2.36 3.48 20.67
C TRP D 152 2.85 4.90 20.96
N LYS D 153 3.99 4.99 21.62
CA LYS D 153 4.62 6.27 21.92
C LYS D 153 6.08 6.21 21.53
N ALA D 154 6.56 7.28 20.91
CA ALA D 154 7.98 7.51 20.73
C ALA D 154 8.37 8.61 21.72
N ASP D 155 9.25 8.27 22.66
CA ASP D 155 9.42 9.13 23.84
C ASP D 155 8.03 9.30 24.45
N SER D 156 7.55 10.54 24.62
CA SER D 156 6.22 10.74 25.19
C SER D 156 5.16 11.06 24.15
N SER D 157 5.51 11.06 22.86
CA SER D 157 4.59 11.52 21.82
C SER D 157 3.92 10.36 21.10
N PRO D 158 2.65 10.49 20.72
CA PRO D 158 1.99 9.38 20.01
C PRO D 158 2.74 9.00 18.74
N VAL D 159 2.74 7.69 18.45
CA VAL D 159 3.21 7.17 17.17
C VAL D 159 1.99 6.80 16.35
N LYS D 160 1.80 7.47 15.22
CA LYS D 160 0.62 7.28 14.40
C LYS D 160 0.87 6.49 13.12
N ALA D 161 2.12 6.20 12.78
CA ALA D 161 2.46 5.51 11.56
C ALA D 161 3.25 4.25 11.87
N GLY D 162 3.04 3.22 11.03
CA GLY D 162 3.84 2.02 11.13
C GLY D 162 3.33 1.01 12.12
N VAL D 163 2.06 1.10 12.52
CA VAL D 163 1.47 0.24 13.52
C VAL D 163 0.56 -0.78 12.84
N GLU D 164 0.63 -2.03 13.30
CA GLU D 164 -0.31 -3.07 12.92
C GLU D 164 -0.59 -3.92 14.14
N THR D 165 -1.86 -4.23 14.38
CA THR D 165 -2.25 -5.09 15.49
C THR D 165 -3.14 -6.20 14.97
N THR D 166 -2.82 -7.43 15.35
CA THR D 166 -3.55 -8.58 14.84
C THR D 166 -4.90 -8.71 15.53
N THR D 167 -5.83 -9.35 14.85
CA THR D 167 -7.13 -9.61 15.45
C THR D 167 -6.97 -10.64 16.56
N PRO D 168 -7.44 -10.36 17.78
CA PRO D 168 -7.24 -11.32 18.87
C PRO D 168 -7.86 -12.67 18.52
N SER D 169 -7.13 -13.73 18.85
CA SER D 169 -7.56 -15.10 18.63
C SER D 169 -7.48 -15.87 19.94
N LYS D 170 -8.48 -16.71 20.17
CA LYS D 170 -8.53 -17.50 21.40
C LYS D 170 -7.52 -18.63 21.34
N GLN D 171 -6.77 -18.79 22.41
CA GLN D 171 -5.70 -19.78 22.49
C GLN D 171 -6.15 -20.95 23.36
N SER D 172 -5.22 -21.88 23.60
CA SER D 172 -5.56 -23.14 24.26
C SER D 172 -6.05 -22.93 25.68
N ASN D 173 -5.68 -21.83 26.33
CA ASN D 173 -6.14 -21.52 27.68
C ASN D 173 -7.46 -20.76 27.67
N ASN D 174 -8.21 -20.83 26.57
CA ASN D 174 -9.52 -20.20 26.43
C ASN D 174 -9.48 -18.69 26.58
N LYS D 175 -8.30 -18.09 26.56
CA LYS D 175 -8.15 -16.64 26.58
C LYS D 175 -7.48 -16.21 25.28
N TYR D 176 -7.51 -14.90 25.04
CA TYR D 176 -7.11 -14.35 23.76
C TYR D 176 -5.65 -13.93 23.75
N ALA D 177 -5.06 -13.93 22.55
CA ALA D 177 -3.71 -13.47 22.33
C ALA D 177 -3.67 -12.64 21.05
N ALA D 178 -2.72 -11.71 20.98
CA ALA D 178 -2.54 -10.87 19.81
C ALA D 178 -1.19 -10.17 19.92
N SER D 179 -0.75 -9.58 18.81
CA SER D 179 0.50 -8.85 18.79
C SER D 179 0.28 -7.55 18.05
N SER D 180 0.81 -6.46 18.60
CA SER D 180 0.98 -5.21 17.87
C SER D 180 2.45 -5.09 17.55
N TYR D 181 2.76 -4.70 16.31
CA TYR D 181 4.14 -4.51 15.91
C TYR D 181 4.32 -3.18 15.19
N LEU D 182 5.40 -2.49 15.56
CA LEU D 182 5.72 -1.16 15.08
C LEU D 182 6.96 -1.26 14.20
N SER D 183 6.82 -0.89 12.93
CA SER D 183 7.93 -0.88 11.99
C SER D 183 8.67 0.44 12.08
N LEU D 184 9.97 0.38 12.32
CA LEU D 184 10.83 1.53 12.45
C LEU D 184 12.09 1.30 11.63
N THR D 185 12.71 2.38 11.20
CA THR D 185 14.07 2.26 10.70
C THR D 185 15.02 2.14 11.87
N PRO D 186 16.19 1.53 11.67
CA PRO D 186 17.20 1.52 12.75
C PRO D 186 17.52 2.90 13.28
N GLU D 187 17.54 3.92 12.41
CA GLU D 187 17.86 5.27 12.85
C GLU D 187 16.77 5.84 13.75
N GLN D 188 15.50 5.61 13.41
CA GLN D 188 14.42 6.03 14.29
C GLN D 188 14.53 5.39 15.66
N TRP D 189 14.86 4.10 15.71
CA TRP D 189 14.96 3.39 16.98
C TRP D 189 16.10 3.93 17.83
N LYS D 190 17.21 4.34 17.20
CA LYS D 190 18.36 4.84 17.94
C LYS D 190 18.28 6.33 18.26
N SER D 191 17.38 7.06 17.61
CA SER D 191 17.28 8.49 17.83
C SER D 191 16.43 8.86 19.03
N HIS D 192 15.61 7.94 19.54
CA HIS D 192 14.69 8.23 20.63
C HIS D 192 15.18 7.64 21.95
N ARG D 193 14.62 8.16 23.03
CA ARG D 193 14.98 7.65 24.35
C ARG D 193 14.34 6.29 24.59
N SER D 194 13.12 6.10 24.11
CA SER D 194 12.38 4.87 24.38
C SER D 194 11.20 4.82 23.42
N TYR D 195 10.60 3.63 23.35
CA TYR D 195 9.30 3.41 22.72
C TYR D 195 8.41 2.65 23.68
N SER D 196 7.12 2.95 23.65
CA SER D 196 6.15 2.38 24.56
C SER D 196 4.94 1.84 23.83
N CYS D 197 4.44 0.71 24.33
CA CYS D 197 3.20 0.08 23.87
C CYS D 197 2.19 0.20 25.00
N GLN D 198 1.04 0.80 24.70
CA GLN D 198 -0.03 1.02 25.68
C GLN D 198 -1.24 0.19 25.25
N VAL D 199 -1.57 -0.82 26.03
CA VAL D 199 -2.66 -1.74 25.72
C VAL D 199 -3.82 -1.43 26.64
N THR D 200 -4.97 -1.12 26.07
CA THR D 200 -6.19 -0.85 26.83
C THR D 200 -7.15 -2.02 26.68
N HIS D 201 -7.63 -2.52 27.82
CA HIS D 201 -8.54 -3.65 27.87
C HIS D 201 -9.56 -3.39 28.98
N GLU D 202 -10.82 -3.16 28.60
CA GLU D 202 -11.90 -2.95 29.56
C GLU D 202 -11.60 -1.77 30.48
N GLY D 203 -11.21 -0.66 29.87
CA GLY D 203 -10.97 0.58 30.60
C GLY D 203 -9.63 0.68 31.27
N SER D 204 -8.95 -0.44 31.53
CA SER D 204 -7.65 -0.43 32.18
C SER D 204 -6.54 -0.53 31.15
N THR D 205 -5.46 0.23 31.35
CA THR D 205 -4.36 0.32 30.40
C THR D 205 -3.08 -0.21 31.02
N VAL D 206 -2.37 -1.03 30.26
CA VAL D 206 -1.05 -1.54 30.64
C VAL D 206 -0.02 -0.90 29.71
N GLU D 207 1.02 -0.31 30.29
CA GLU D 207 2.05 0.37 29.53
C GLU D 207 3.38 -0.34 29.73
N LYS D 208 4.06 -0.64 28.63
CA LYS D 208 5.42 -1.17 28.65
C LYS D 208 6.32 -0.28 27.81
N THR D 209 7.60 -0.21 28.21
CA THR D 209 8.57 0.68 27.58
C THR D 209 9.89 -0.05 27.41
N VAL D 210 10.52 0.15 26.25
CA VAL D 210 11.85 -0.38 25.98
C VAL D 210 12.70 0.74 25.42
N ALA D 211 14.00 0.68 25.71
CA ALA D 211 14.97 1.68 25.27
C ALA D 211 16.14 0.99 24.58
N PRO D 212 16.79 1.68 23.63
CA PRO D 212 17.95 1.09 22.96
C PRO D 212 18.97 0.54 23.94
N THR D 213 19.47 -0.66 23.64
CA THR D 213 20.32 -1.41 24.55
C THR D 213 21.63 -0.68 24.80
N GLU D 214 22.31 -1.08 25.88
CA GLU D 214 23.61 -0.54 26.26
C GLU D 214 24.67 -1.63 26.32
N CYS D 215 24.50 -2.70 25.54
CA CYS D 215 25.46 -3.79 25.53
C CYS D 215 26.64 -3.46 24.62
#